data_5HNW
#
_entry.id   5HNW
#
loop_
_entity.id
_entity.type
_entity.pdbx_description
1 polymer 'Tubulin alpha-1B chain'
2 polymer 'Tubulin beta-2B chain'
3 polymer 'Protein claret segregational,KINESIN HEAVY CHAIN ISOFORM 5C'
4 non-polymer 'MAGNESIUM ION'
5 non-polymer "GUANOSINE-5'-TRIPHOSPHATE"
6 non-polymer "GUANOSINE-5'-DIPHOSPHATE"
7 non-polymer TAXOL
8 non-polymer 'PHOSPHOAMINOPHOSPHONIC ACID-ADENYLATE ESTER'
#
loop_
_entity_poly.entity_id
_entity_poly.type
_entity_poly.pdbx_seq_one_letter_code
_entity_poly.pdbx_strand_id
1 'polypeptide(L)'
;RECISIHVGQAGVQIGNACWELYCLEHGIQPDGQMPSDKTIGGGDDSFNTFFSETGAGKHVPRAVFVDLEPTVIDEVRTG
TYRQLFHPEQLITGKEDAANNYARGHYTIGKEIIDLVLDRIRKLADQCTGLQGFSVFHSFGGGTGSGFTSLLMERLSVDY
GKKSKLEFSIYPAPQVSTAVVEPYNSILTTHTTLEHSDCAFMVDNEAIYDICRRNLDIERPTYTNLNRLIGQIVSSITAS
LRFDGALNVDLTEFQTNLVPYPRGHFPLATYAPVISAEKAYHEQLSVAEITNACFEPANQMVKCDPRHGKYMACCLLYRG
DVVPKDVNAAIATIKTKRTIQFVDWCPTGFKVGINYEPPTVVPGGDLAKVQRAVCMLSNTTAIAEAWARLDHKFDLMYAK
RAFVHWYVGEGMEEGEFSEAREDMAALEKDYEEVGVDSVEGEGEEEGEEY
;
A
2 'polypeptide(L)'
;REIVHIQAGQCGNQIGAKFWEVISDEHGIDPTGSYHGDSDLQLERINVYYNEAAGNKYVPRAILVDLEPGTMDSVRSGPF
GQIFRPDNFVFGQSGAGNNWAKGHYTEGAELVDSVLDVVRKESESCDCLQGFQLTHSLGGGTGSGMGTLLISKIREEYPD
RIMNTFSVVPSPKVSDTVVEPYNATLSVHQLVENTDETYCIDNEALYDICFRTLKLTTPTYGDLNHLVSATMSGVTTCLR
FPGQLNADLRKLAVNMVPFPRLHFFMPGFAPLTSRGSQQYRALTVPELTQQMFDAKNMMAACDPRHGRYLTVAAVFRGRM
SMKEVDEQMLNVQNKNSSYFVEWIPNNVKTAVCDIPPRGLKMSATFIGNSTAIQELFKRISEQFTAMFRRKAFLHWYTGE
GMDEMEFTEAESNMNDLVSEYQQYQDATADEQGEFEEEEGEDEA
;
B
3 'polypeptide(L)'
;KEQLFQSNMERKELHNTVMDLRGNIKVMCRFRPLNEAEILRGDKFIPKFKGEETVVIQGKPYVFDRVLPPNTTQEQVYNA
CAKQIVKDVLEGYNGTIFAYGQTSSGKTHTMEGKLHDPQLMGIIPRIAHDIFDHIYSMDENLEFAIKVSYFEIYLDKIRD
LLDVSKTNLAVHEDKNRVPYVKGCTERFVSSPEEVMDVIDEGKSNRHVAVTNMNEHSSRSHSIFLINIKQENVETEKKLS
GKLYLVDLAGSEKVSKTGAEGAVLDEAKNINKSLSALGNVISALAEGTTHVPYRDSKMTRILQDSLGGNCRTTIVICCSP
SVFNEAETKSTLMFAASVNSCKMTKAKRNRYLNNSVANSSTQSNNSGSFDK
;
K
#
loop_
_chem_comp.id
_chem_comp.type
_chem_comp.name
_chem_comp.formula
ANP non-polymer 'PHOSPHOAMINOPHOSPHONIC ACID-ADENYLATE ESTER' 'C10 H17 N6 O12 P3'
GDP RNA linking GUANOSINE-5'-DIPHOSPHATE 'C10 H15 N5 O11 P2'
GTP non-polymer GUANOSINE-5'-TRIPHOSPHATE 'C10 H16 N5 O14 P3'
MG non-polymer 'MAGNESIUM ION' 'Mg 2'
TA1 non-polymer TAXOL 'C47 H51 N O14'
#
# COMPACT_ATOMS: atom_id res chain seq x y z
N ARG A 1 -5.33 -10.39 -38.81
CA ARG A 1 -4.24 -11.39 -38.98
C ARG A 1 -3.22 -11.36 -37.85
N GLU A 2 -2.77 -10.18 -37.46
CA GLU A 2 -1.78 -10.06 -36.41
C GLU A 2 -2.41 -9.98 -35.03
N CYS A 3 -1.55 -9.83 -34.03
CA CYS A 3 -1.96 -9.73 -32.63
C CYS A 3 -0.90 -8.96 -31.85
N ILE A 4 -1.15 -7.68 -31.59
CA ILE A 4 -0.19 -6.89 -30.83
C ILE A 4 -0.06 -7.49 -29.43
N SER A 5 0.94 -7.02 -28.68
CA SER A 5 1.15 -7.51 -27.33
C SER A 5 1.69 -6.39 -26.45
N ILE A 6 1.11 -6.27 -25.27
CA ILE A 6 1.51 -5.26 -24.32
C ILE A 6 1.97 -5.90 -23.03
N HIS A 7 3.28 -5.95 -22.86
CA HIS A 7 3.88 -6.54 -21.68
C HIS A 7 3.93 -5.51 -20.57
N VAL A 8 3.04 -5.66 -19.59
CA VAL A 8 2.97 -4.70 -18.49
C VAL A 8 3.45 -5.24 -17.14
N GLY A 9 4.23 -4.40 -16.45
CA GLY A 9 4.79 -4.76 -15.14
C GLY A 9 6.16 -5.37 -15.31
N GLN A 10 7.07 -5.12 -14.38
CA GLN A 10 8.40 -5.70 -14.51
C GLN A 10 8.28 -7.14 -14.97
N ALA A 11 7.54 -7.93 -14.22
CA ALA A 11 7.37 -9.35 -14.56
C ALA A 11 6.92 -9.53 -15.99
N GLY A 12 5.76 -8.98 -16.33
CA GLY A 12 5.22 -9.10 -17.67
C GLY A 12 6.23 -8.70 -18.70
N VAL A 13 7.26 -8.00 -18.26
CA VAL A 13 8.33 -7.52 -19.11
C VAL A 13 9.48 -8.54 -19.15
N GLN A 14 9.73 -9.19 -18.02
CA GLN A 14 10.78 -10.21 -17.92
C GLN A 14 10.32 -11.40 -18.75
N ILE A 15 9.07 -11.78 -18.51
CA ILE A 15 8.43 -12.87 -19.23
C ILE A 15 8.41 -12.43 -20.70
N GLY A 16 8.19 -11.13 -20.90
CA GLY A 16 8.15 -10.60 -22.24
C GLY A 16 9.46 -10.77 -22.95
N ASN A 17 10.54 -10.35 -22.31
CA ASN A 17 11.86 -10.47 -22.90
C ASN A 17 12.09 -11.94 -23.27
N ALA A 18 11.55 -12.83 -22.45
CA ALA A 18 11.70 -14.28 -22.64
C ALA A 18 10.91 -14.81 -23.83
N CYS A 19 9.60 -14.60 -23.80
CA CYS A 19 8.72 -15.02 -24.87
C CYS A 19 9.22 -14.36 -26.13
N TRP A 20 9.72 -13.14 -25.99
CA TRP A 20 10.21 -12.43 -27.14
C TRP A 20 11.50 -13.03 -27.65
N GLU A 21 12.24 -13.67 -26.75
CA GLU A 21 13.48 -14.31 -27.12
C GLU A 21 13.15 -15.54 -27.95
N LEU A 22 12.48 -16.50 -27.31
CA LEU A 22 12.12 -17.72 -27.98
C LEU A 22 11.71 -17.43 -29.41
N TYR A 23 11.01 -16.32 -29.61
CA TYR A 23 10.54 -15.97 -30.94
C TYR A 23 11.61 -15.96 -32.04
N CYS A 24 12.38 -14.89 -32.10
CA CYS A 24 13.42 -14.77 -33.11
C CYS A 24 14.19 -16.08 -33.22
N LEU A 25 14.42 -16.69 -32.07
CA LEU A 25 15.15 -17.95 -31.97
C LEU A 25 14.64 -19.04 -32.90
N GLU A 26 13.33 -19.05 -33.15
CA GLU A 26 12.72 -20.05 -34.02
C GLU A 26 12.21 -19.41 -35.31
N HIS A 27 12.74 -18.24 -35.62
CA HIS A 27 12.36 -17.53 -36.84
C HIS A 27 13.61 -17.01 -37.58
N GLY A 28 14.77 -17.44 -37.10
CA GLY A 28 16.04 -17.05 -37.71
C GLY A 28 16.33 -15.57 -37.82
N ILE A 29 15.87 -14.80 -36.85
CA ILE A 29 16.06 -13.37 -36.85
C ILE A 29 16.90 -12.98 -35.60
N GLN A 30 18.21 -13.03 -35.75
CA GLN A 30 19.19 -12.72 -34.72
C GLN A 30 18.97 -11.34 -34.09
N PRO A 31 19.84 -10.98 -33.11
CA PRO A 31 19.76 -9.67 -32.39
C PRO A 31 19.18 -8.53 -33.16
N ASP A 32 19.84 -8.23 -34.29
CA ASP A 32 19.45 -7.15 -35.17
C ASP A 32 19.00 -7.68 -36.54
N GLY A 33 17.70 -7.83 -36.72
CA GLY A 33 17.18 -8.32 -37.99
C GLY A 33 16.36 -7.29 -38.75
N HIS A 60 14.04 -7.88 -37.55
CA HIS A 60 13.16 -7.03 -38.36
C HIS A 60 12.69 -5.88 -37.46
N VAL A 61 11.50 -6.07 -36.87
CA VAL A 61 10.88 -5.10 -35.98
C VAL A 61 9.81 -5.89 -35.21
N PRO A 62 9.82 -5.75 -33.87
CA PRO A 62 8.81 -6.48 -33.06
C PRO A 62 7.39 -6.09 -33.45
N ARG A 63 6.47 -6.20 -32.50
CA ARG A 63 5.09 -5.84 -32.77
C ARG A 63 4.39 -5.76 -31.44
N ALA A 64 5.05 -5.13 -30.47
CA ALA A 64 4.51 -5.00 -29.14
C ALA A 64 5.04 -3.79 -28.40
N VAL A 65 4.69 -3.68 -27.13
CA VAL A 65 5.17 -2.57 -26.33
C VAL A 65 5.52 -3.01 -24.92
N PHE A 66 6.21 -2.14 -24.19
CA PHE A 66 6.65 -2.43 -22.83
C PHE A 66 6.33 -1.30 -21.84
N VAL A 67 5.49 -1.60 -20.85
CA VAL A 67 5.10 -0.60 -19.86
C VAL A 67 5.53 -0.92 -18.43
N ASP A 68 6.00 0.11 -17.72
CA ASP A 68 6.43 -0.03 -16.34
C ASP A 68 6.65 1.35 -15.71
N LEU A 69 6.35 1.46 -14.43
CA LEU A 69 6.50 2.71 -13.70
C LEU A 69 7.78 2.70 -12.88
N GLU A 70 8.66 1.75 -13.20
CA GLU A 70 9.97 1.63 -12.57
C GLU A 70 10.90 1.53 -13.76
N PRO A 71 11.65 2.59 -14.04
CA PRO A 71 12.57 2.58 -15.17
C PRO A 71 13.58 1.44 -15.23
N THR A 72 14.33 1.26 -14.16
CA THR A 72 15.37 0.24 -14.12
C THR A 72 15.05 -1.12 -14.75
N VAL A 73 13.78 -1.52 -14.80
CA VAL A 73 13.43 -2.82 -15.38
C VAL A 73 13.30 -2.86 -16.91
N ILE A 74 12.64 -1.86 -17.47
CA ILE A 74 12.45 -1.75 -18.91
C ILE A 74 13.83 -1.41 -19.44
N ASP A 75 14.62 -0.79 -18.57
CA ASP A 75 15.99 -0.44 -18.90
C ASP A 75 16.73 -1.75 -19.22
N GLU A 76 16.39 -2.82 -18.51
CA GLU A 76 17.05 -4.11 -18.74
C GLU A 76 16.85 -4.57 -20.16
N VAL A 77 15.82 -4.06 -20.80
CA VAL A 77 15.53 -4.41 -22.18
C VAL A 77 16.25 -3.39 -23.03
N ARG A 78 16.67 -2.32 -22.38
CA ARG A 78 17.39 -1.23 -23.03
C ARG A 78 18.90 -1.39 -22.85
N THR A 79 19.31 -2.22 -21.90
CA THR A 79 20.73 -2.47 -21.63
C THR A 79 21.13 -3.88 -22.04
N GLY A 80 20.38 -4.87 -21.58
CA GLY A 80 20.69 -6.25 -21.90
C GLY A 80 20.43 -6.74 -23.31
N THR A 81 20.32 -8.06 -23.44
CA THR A 81 20.09 -8.70 -24.74
C THR A 81 18.86 -8.12 -25.42
N TYR A 82 18.72 -8.41 -26.70
CA TYR A 82 17.59 -7.92 -27.50
C TYR A 82 17.41 -6.44 -27.25
N ARG A 83 18.56 -5.76 -27.24
CA ARG A 83 18.64 -4.32 -27.00
C ARG A 83 18.14 -3.48 -28.17
N GLN A 84 18.71 -3.72 -29.36
CA GLN A 84 18.33 -2.97 -30.55
C GLN A 84 17.22 -3.57 -31.42
N LEU A 85 16.56 -4.61 -30.90
CA LEU A 85 15.48 -5.22 -31.66
C LEU A 85 14.18 -4.49 -31.35
N PHE A 86 14.27 -3.42 -30.56
CA PHE A 86 13.09 -2.64 -30.20
C PHE A 86 13.28 -1.17 -30.52
N HIS A 87 12.15 -0.48 -30.60
CA HIS A 87 12.14 0.94 -30.86
C HIS A 87 11.90 1.63 -29.54
N PRO A 88 12.78 2.56 -29.18
CA PRO A 88 12.62 3.27 -27.91
C PRO A 88 11.22 3.88 -27.82
N GLU A 89 10.40 3.59 -28.82
CA GLU A 89 9.05 4.09 -28.86
C GLU A 89 8.06 3.09 -28.29
N GLN A 90 8.39 1.79 -28.40
CA GLN A 90 7.54 0.72 -27.86
C GLN A 90 8.03 0.29 -26.49
N LEU A 91 8.79 1.19 -25.86
CA LEU A 91 9.32 0.99 -24.52
C LEU A 91 8.91 2.17 -23.66
N ILE A 92 7.75 2.04 -23.00
CA ILE A 92 7.22 3.10 -22.15
C ILE A 92 7.67 2.93 -20.70
N THR A 93 8.07 4.04 -20.09
CA THR A 93 8.52 4.06 -18.71
C THR A 93 8.05 5.33 -17.99
N GLY A 94 7.87 5.21 -16.69
CA GLY A 94 7.47 6.35 -15.88
C GLY A 94 8.46 6.45 -14.74
N LYS A 95 9.62 7.06 -15.03
CA LYS A 95 10.71 7.24 -14.06
C LYS A 95 10.23 7.29 -12.61
N GLU A 96 9.00 7.74 -12.44
CA GLU A 96 8.39 7.88 -11.14
C GLU A 96 8.49 6.66 -10.26
N ASP A 97 7.37 6.27 -9.67
CA ASP A 97 7.37 5.16 -8.75
C ASP A 97 6.41 4.03 -9.11
N ALA A 98 6.87 2.80 -8.92
CA ALA A 98 6.07 1.63 -9.21
C ALA A 98 4.94 1.45 -8.19
N ALA A 99 5.31 1.14 -6.95
CA ALA A 99 4.38 0.96 -5.84
C ALA A 99 3.64 -0.34 -5.93
N ASN A 100 3.90 -1.25 -5.02
CA ASN A 100 3.22 -2.52 -5.11
C ASN A 100 1.77 -2.45 -4.70
N ASN A 101 1.12 -1.40 -5.18
CA ASN A 101 -0.27 -1.23 -4.88
C ASN A 101 -1.10 -0.80 -6.08
N TYR A 102 -2.13 -1.59 -6.33
CA TYR A 102 -3.09 -1.39 -7.39
C TYR A 102 -3.39 0.10 -7.54
N ALA A 103 -4.25 0.60 -6.67
CA ALA A 103 -4.66 2.00 -6.65
C ALA A 103 -3.69 2.95 -7.33
N ARG A 104 -2.54 3.14 -6.71
CA ARG A 104 -1.51 4.02 -7.23
C ARG A 104 -1.20 3.72 -8.69
N GLY A 105 -0.99 2.45 -9.00
CA GLY A 105 -0.70 2.11 -10.37
C GLY A 105 -1.83 2.31 -11.34
N HIS A 106 -3.06 2.06 -10.90
CA HIS A 106 -4.22 2.22 -11.75
C HIS A 106 -4.58 3.68 -11.80
N TYR A 107 -5.08 4.20 -10.68
CA TYR A 107 -5.48 5.61 -10.55
C TYR A 107 -4.27 6.53 -10.55
N THR A 108 -4.09 7.23 -9.43
CA THR A 108 -2.99 8.18 -9.24
C THR A 108 -1.87 8.16 -10.26
N ILE A 109 -0.78 7.43 -10.02
CA ILE A 109 0.32 7.45 -10.95
C ILE A 109 0.02 6.83 -12.31
N GLY A 110 -0.10 5.50 -12.34
CA GLY A 110 -0.37 4.82 -13.60
C GLY A 110 -1.16 5.61 -14.63
N LYS A 111 -2.06 6.47 -14.17
CA LYS A 111 -2.88 7.28 -15.07
C LYS A 111 -2.06 8.10 -16.04
N GLU A 112 -1.20 8.94 -15.49
CA GLU A 112 -0.34 9.82 -16.28
C GLU A 112 0.26 9.21 -17.55
N ILE A 113 0.65 7.94 -17.45
CA ILE A 113 1.29 7.26 -18.58
C ILE A 113 0.33 6.69 -19.63
N ILE A 114 -0.76 6.10 -19.15
CA ILE A 114 -1.76 5.46 -20.00
C ILE A 114 -1.94 6.09 -21.38
N ASP A 115 -2.31 7.37 -21.43
CA ASP A 115 -2.48 8.05 -22.72
C ASP A 115 -1.35 7.56 -23.61
N LEU A 116 -0.17 8.05 -23.30
CA LEU A 116 1.05 7.72 -24.02
C LEU A 116 1.08 6.24 -24.35
N VAL A 117 0.82 5.39 -23.36
CA VAL A 117 0.81 3.95 -23.57
C VAL A 117 -0.11 3.66 -24.75
N LEU A 118 -1.39 3.97 -24.57
CA LEU A 118 -2.39 3.76 -25.60
C LEU A 118 -1.85 4.19 -26.95
N ASP A 119 -1.43 5.45 -27.02
CA ASP A 119 -0.90 6.00 -28.26
C ASP A 119 -0.12 4.98 -29.07
N ARG A 120 0.73 4.20 -28.42
CA ARG A 120 1.50 3.21 -29.16
C ARG A 120 0.63 2.06 -29.65
N ILE A 121 -0.28 1.61 -28.80
CA ILE A 121 -1.15 0.51 -29.18
C ILE A 121 -2.25 0.99 -30.11
N ARG A 122 -2.10 2.23 -30.58
CA ARG A 122 -3.02 2.85 -31.52
C ARG A 122 -2.18 3.28 -32.72
N LYS A 123 -0.88 3.45 -32.47
CA LYS A 123 0.09 3.83 -33.48
C LYS A 123 0.63 2.56 -34.10
N LEU A 124 0.74 1.51 -33.28
CA LEU A 124 1.24 0.20 -33.70
C LEU A 124 0.06 -0.61 -34.24
N ALA A 125 -1.14 -0.24 -33.82
CA ALA A 125 -2.36 -0.92 -34.24
C ALA A 125 -2.82 -0.45 -35.61
N ASP A 126 -2.34 0.71 -36.00
CA ASP A 126 -2.71 1.31 -37.27
C ASP A 126 -1.79 0.79 -38.38
N GLN A 127 -0.50 0.95 -38.17
CA GLN A 127 0.52 0.52 -39.11
C GLN A 127 0.28 -0.84 -39.76
N CYS A 128 -0.28 -1.79 -39.01
CA CYS A 128 -0.55 -3.15 -39.50
C CYS A 128 -1.63 -3.29 -40.60
N THR A 129 -2.08 -4.53 -40.80
CA THR A 129 -3.11 -4.85 -41.79
C THR A 129 -4.14 -5.78 -41.17
N GLY A 130 -5.35 -5.27 -40.95
CA GLY A 130 -6.39 -6.08 -40.34
C GLY A 130 -5.84 -6.99 -39.25
N LEU A 131 -5.74 -6.47 -38.04
CA LEU A 131 -5.23 -7.24 -36.89
C LEU A 131 -6.32 -8.08 -36.26
N GLN A 132 -5.98 -8.82 -35.21
CA GLN A 132 -6.94 -9.67 -34.53
C GLN A 132 -7.05 -9.34 -33.04
N GLY A 133 -6.03 -8.74 -32.47
CA GLY A 133 -6.08 -8.41 -31.05
C GLY A 133 -4.73 -8.13 -30.43
N PHE A 134 -4.75 -7.97 -29.10
CA PHE A 134 -3.54 -7.68 -28.32
C PHE A 134 -3.25 -8.71 -27.23
N SER A 135 -2.17 -9.46 -27.38
CA SER A 135 -1.80 -10.41 -26.37
C SER A 135 -1.14 -9.58 -25.27
N VAL A 136 -1.87 -9.42 -24.16
CA VAL A 136 -1.40 -8.64 -23.01
C VAL A 136 -0.61 -9.50 -22.01
N PHE A 137 0.52 -9.00 -21.51
CA PHE A 137 1.31 -9.78 -20.54
C PHE A 137 1.48 -9.05 -19.22
N HIS A 138 0.76 -9.50 -18.20
CA HIS A 138 0.85 -8.85 -16.88
C HIS A 138 0.95 -9.85 -15.73
N SER A 139 1.36 -9.35 -14.58
CA SER A 139 1.52 -10.17 -13.39
C SER A 139 0.55 -9.90 -12.24
N PHE A 140 -0.71 -10.18 -12.49
CA PHE A 140 -1.77 -10.04 -11.51
C PHE A 140 -1.47 -9.29 -10.23
N GLY A 141 -0.63 -9.85 -9.37
CA GLY A 141 -0.34 -9.22 -8.09
C GLY A 141 0.83 -8.26 -8.00
N GLY A 142 0.78 -7.19 -8.78
CA GLY A 142 1.84 -6.20 -8.75
C GLY A 142 1.23 -4.83 -8.69
N GLY A 143 2.03 -3.80 -8.89
CA GLY A 143 1.52 -2.46 -8.88
C GLY A 143 1.27 -2.02 -10.31
N THR A 144 2.33 -2.04 -11.11
CA THR A 144 2.24 -1.66 -12.51
C THR A 144 1.55 -2.75 -13.29
N GLY A 145 1.60 -3.97 -12.78
CA GLY A 145 0.97 -5.07 -13.50
C GLY A 145 -0.52 -5.26 -13.29
N SER A 146 -0.97 -5.07 -12.05
CA SER A 146 -2.36 -5.22 -11.71
C SER A 146 -3.10 -3.94 -12.10
N GLY A 147 -2.82 -2.89 -11.34
CA GLY A 147 -3.45 -1.60 -11.57
C GLY A 147 -3.41 -1.15 -13.00
N PHE A 148 -2.31 -0.53 -13.40
CA PHE A 148 -2.17 -0.04 -14.77
C PHE A 148 -3.00 -0.78 -15.80
N THR A 149 -2.55 -1.99 -16.14
CA THR A 149 -3.26 -2.79 -17.14
C THR A 149 -4.73 -2.65 -16.93
N SER A 150 -5.16 -2.87 -15.70
CA SER A 150 -6.57 -2.76 -15.39
C SER A 150 -7.20 -1.69 -16.25
N LEU A 151 -6.60 -0.50 -16.30
CA LEU A 151 -7.17 0.55 -17.12
C LEU A 151 -6.69 0.51 -18.58
N LEU A 152 -5.60 -0.18 -18.84
CA LEU A 152 -5.09 -0.30 -20.20
C LEU A 152 -6.08 -1.18 -20.95
N MET A 153 -6.31 -2.38 -20.44
CA MET A 153 -7.25 -3.29 -21.05
C MET A 153 -8.59 -2.58 -21.03
N GLU A 154 -8.78 -1.78 -19.99
CA GLU A 154 -10.00 -1.03 -19.80
C GLU A 154 -10.19 -0.13 -21.00
N ARG A 155 -9.24 0.75 -21.24
CA ARG A 155 -9.32 1.67 -22.38
C ARG A 155 -9.31 0.98 -23.77
N LEU A 156 -8.95 -0.30 -23.82
CA LEU A 156 -8.93 -1.07 -25.07
C LEU A 156 -10.33 -1.58 -25.41
N SER A 157 -10.95 -2.26 -24.44
CA SER A 157 -12.27 -2.79 -24.63
C SER A 157 -13.24 -1.78 -25.21
N VAL A 158 -12.89 -0.50 -25.10
CA VAL A 158 -13.75 0.56 -25.64
C VAL A 158 -13.25 1.07 -26.98
N ASP A 159 -11.94 1.15 -27.13
CA ASP A 159 -11.36 1.64 -28.35
C ASP A 159 -11.31 0.60 -29.46
N TYR A 160 -11.41 -0.67 -29.09
CA TYR A 160 -11.41 -1.74 -30.09
C TYR A 160 -12.28 -2.88 -29.63
N GLY A 161 -13.47 -2.59 -29.10
CA GLY A 161 -14.33 -3.66 -28.65
C GLY A 161 -14.42 -4.77 -29.67
N LYS A 162 -14.21 -4.39 -30.93
CA LYS A 162 -14.29 -5.29 -32.07
C LYS A 162 -13.04 -6.12 -32.33
N LYS A 163 -12.45 -6.70 -31.28
CA LYS A 163 -11.25 -7.51 -31.44
C LYS A 163 -11.10 -8.51 -30.31
N SER A 164 -9.93 -9.15 -30.27
CA SER A 164 -9.63 -10.12 -29.23
C SER A 164 -8.75 -9.51 -28.16
N LYS A 165 -9.09 -9.83 -26.91
CA LYS A 165 -8.35 -9.34 -25.76
C LYS A 165 -7.96 -10.54 -24.91
N LEU A 166 -6.92 -11.23 -25.32
CA LEU A 166 -6.46 -12.37 -24.58
C LEU A 166 -5.31 -11.90 -23.71
N GLU A 167 -5.53 -11.88 -22.40
CA GLU A 167 -4.50 -11.45 -21.51
C GLU A 167 -3.84 -12.64 -20.85
N PHE A 168 -2.54 -12.71 -21.01
CA PHE A 168 -1.75 -13.79 -20.45
C PHE A 168 -1.21 -13.40 -19.09
N SER A 169 -1.85 -13.90 -18.03
CA SER A 169 -1.47 -13.57 -16.66
C SER A 169 -0.62 -14.61 -15.91
N ILE A 170 0.02 -14.15 -14.84
CA ILE A 170 0.85 -14.95 -13.95
C ILE A 170 0.27 -14.69 -12.59
N TYR A 171 -0.85 -15.33 -12.32
CA TYR A 171 -1.56 -15.12 -11.08
C TYR A 171 -0.89 -15.75 -9.86
N PRO A 172 -0.98 -15.07 -8.69
CA PRO A 172 -0.47 -15.33 -7.34
C PRO A 172 -0.17 -16.76 -6.93
N ALA A 173 1.09 -17.02 -6.57
CA ALA A 173 1.51 -18.35 -6.13
C ALA A 173 0.62 -18.70 -4.95
N PRO A 174 0.00 -19.89 -4.97
CA PRO A 174 -0.89 -20.39 -3.94
C PRO A 174 -0.43 -20.29 -2.46
N GLN A 175 0.88 -20.32 -2.23
CA GLN A 175 1.40 -20.23 -0.87
C GLN A 175 2.69 -19.45 -0.85
N VAL A 176 3.33 -19.39 -2.02
CA VAL A 176 4.59 -18.71 -2.16
C VAL A 176 4.42 -17.36 -2.84
N SER A 177 3.59 -16.50 -2.27
CA SER A 177 3.40 -15.18 -2.87
C SER A 177 4.61 -14.35 -2.48
N THR A 178 4.69 -13.14 -3.00
CA THR A 178 5.80 -12.28 -2.69
C THR A 178 5.29 -11.06 -1.94
N ALA A 179 4.71 -10.11 -2.67
CA ALA A 179 4.18 -8.90 -2.07
C ALA A 179 3.33 -9.29 -0.88
N VAL A 180 3.26 -8.40 0.09
CA VAL A 180 2.50 -8.66 1.30
C VAL A 180 1.05 -8.48 1.02
N VAL A 181 0.75 -7.58 0.09
CA VAL A 181 -0.62 -7.26 -0.28
C VAL A 181 -1.20 -8.08 -1.44
N GLU A 182 -0.33 -8.59 -2.32
CA GLU A 182 -0.70 -9.40 -3.49
C GLU A 182 -2.20 -9.52 -3.76
N PRO A 183 -2.99 -10.14 -2.85
CA PRO A 183 -4.43 -10.27 -3.10
C PRO A 183 -5.13 -8.94 -3.38
N TYR A 184 -4.83 -7.92 -2.59
CA TYR A 184 -5.44 -6.64 -2.83
C TYR A 184 -5.25 -6.33 -4.31
N ASN A 185 -4.02 -6.46 -4.77
CA ASN A 185 -3.69 -6.18 -6.16
C ASN A 185 -4.26 -7.14 -7.19
N SER A 186 -4.64 -8.34 -6.78
CA SER A 186 -5.16 -9.33 -7.72
C SER A 186 -6.66 -9.51 -7.68
N ILE A 187 -7.30 -9.04 -6.64
CA ILE A 187 -8.74 -9.15 -6.62
C ILE A 187 -9.20 -7.93 -7.37
N LEU A 188 -8.28 -6.96 -7.48
CA LEU A 188 -8.55 -5.70 -8.16
C LEU A 188 -8.24 -5.70 -9.64
N THR A 189 -7.30 -6.52 -10.06
CA THR A 189 -6.99 -6.58 -11.48
C THR A 189 -7.98 -7.52 -12.16
N THR A 190 -8.58 -8.40 -11.38
CA THR A 190 -9.51 -9.36 -11.91
C THR A 190 -10.86 -8.70 -12.18
N HIS A 191 -11.36 -7.94 -11.22
CA HIS A 191 -12.66 -7.29 -11.34
C HIS A 191 -12.74 -6.18 -12.36
N THR A 192 -11.62 -5.50 -12.55
CA THR A 192 -11.55 -4.39 -13.48
C THR A 192 -11.28 -4.88 -14.91
N THR A 193 -10.60 -6.01 -15.04
CA THR A 193 -10.27 -6.55 -16.35
C THR A 193 -11.36 -7.52 -16.82
N LEU A 194 -12.02 -8.16 -15.87
CA LEU A 194 -13.06 -9.16 -16.15
C LEU A 194 -14.04 -8.77 -17.22
N GLU A 195 -14.52 -7.55 -17.13
CA GLU A 195 -15.51 -7.03 -18.07
C GLU A 195 -14.82 -6.40 -19.29
N HIS A 196 -13.60 -6.84 -19.57
CA HIS A 196 -12.84 -6.29 -20.69
C HIS A 196 -12.01 -7.28 -21.51
N SER A 197 -11.64 -8.41 -20.91
CA SER A 197 -10.84 -9.40 -21.63
C SER A 197 -11.70 -10.36 -22.41
N ASP A 198 -11.05 -11.06 -23.34
CA ASP A 198 -11.71 -12.03 -24.18
C ASP A 198 -11.46 -13.42 -23.61
N CYS A 199 -10.19 -13.70 -23.36
CA CYS A 199 -9.74 -14.96 -22.80
C CYS A 199 -8.49 -14.64 -22.01
N ALA A 200 -8.48 -15.01 -20.74
CA ALA A 200 -7.31 -14.74 -19.91
C ALA A 200 -6.56 -16.03 -19.62
N PHE A 201 -5.37 -16.16 -20.19
CA PHE A 201 -4.55 -17.34 -19.95
C PHE A 201 -3.89 -17.18 -18.59
N MET A 202 -3.72 -18.29 -17.90
CA MET A 202 -3.11 -18.25 -16.59
C MET A 202 -2.00 -19.24 -16.42
N VAL A 203 -0.89 -18.77 -15.86
CA VAL A 203 0.30 -19.57 -15.60
C VAL A 203 0.75 -19.24 -14.17
N ASP A 204 0.63 -20.23 -13.30
CA ASP A 204 0.97 -20.08 -11.89
C ASP A 204 2.45 -20.17 -11.64
N ASN A 205 3.04 -19.11 -11.12
CA ASN A 205 4.47 -19.07 -10.84
C ASN A 205 4.98 -20.26 -10.02
N GLU A 206 4.33 -20.57 -8.90
CA GLU A 206 4.75 -21.70 -8.06
C GLU A 206 4.59 -23.04 -8.75
N ALA A 207 3.37 -23.34 -9.16
CA ALA A 207 3.07 -24.60 -9.84
C ALA A 207 3.97 -24.85 -11.06
N ILE A 208 4.79 -23.89 -11.42
CA ILE A 208 5.72 -24.04 -12.53
C ILE A 208 7.04 -24.52 -11.92
N TYR A 209 7.29 -24.11 -10.69
CA TYR A 209 8.50 -24.52 -10.00
C TYR A 209 8.46 -26.03 -9.84
N ASP A 210 7.32 -26.54 -9.45
CA ASP A 210 7.18 -27.96 -9.27
C ASP A 210 7.68 -28.61 -10.52
N ILE A 211 7.22 -28.14 -11.66
CA ILE A 211 7.64 -28.69 -12.93
C ILE A 211 9.17 -28.64 -13.05
N CYS A 212 9.79 -27.62 -12.47
CA CYS A 212 11.24 -27.46 -12.54
C CYS A 212 11.95 -28.36 -11.54
N ARG A 213 11.21 -28.82 -10.55
CA ARG A 213 11.75 -29.69 -9.54
C ARG A 213 11.46 -31.14 -9.94
N ARG A 214 10.19 -31.41 -10.21
CA ARG A 214 9.71 -32.75 -10.56
C ARG A 214 9.85 -33.21 -12.01
N ASN A 215 9.74 -32.28 -12.95
CA ASN A 215 9.84 -32.66 -14.35
C ASN A 215 10.98 -32.02 -15.10
N LEU A 216 12.15 -31.99 -14.49
CA LEU A 216 13.29 -31.38 -15.15
C LEU A 216 14.46 -31.40 -14.18
N ASP A 217 14.10 -31.49 -12.90
CA ASP A 217 15.07 -31.55 -11.82
C ASP A 217 16.08 -30.40 -11.80
N ILE A 218 15.86 -29.47 -10.87
CA ILE A 218 16.72 -28.31 -10.66
C ILE A 218 16.16 -27.48 -9.52
N GLU A 219 16.94 -27.31 -8.46
CA GLU A 219 16.48 -26.51 -7.33
C GLU A 219 17.06 -25.12 -7.52
N ARG A 220 17.63 -24.91 -8.70
CA ARG A 220 18.24 -23.65 -9.10
C ARG A 220 17.43 -23.02 -10.26
N PRO A 221 16.12 -22.80 -10.04
CA PRO A 221 15.35 -22.20 -11.13
C PRO A 221 15.33 -20.69 -11.03
N THR A 222 16.04 -20.02 -11.93
CA THR A 222 16.05 -18.57 -11.92
C THR A 222 14.77 -18.11 -12.58
N TYR A 223 14.32 -16.91 -12.26
CA TYR A 223 13.11 -16.39 -12.87
C TYR A 223 13.29 -16.56 -14.35
N THR A 224 14.52 -16.33 -14.80
CA THR A 224 14.86 -16.46 -16.21
C THR A 224 14.46 -17.82 -16.80
N ASN A 225 14.06 -18.75 -15.95
CA ASN A 225 13.67 -20.05 -16.45
C ASN A 225 12.17 -20.12 -16.62
N LEU A 226 11.45 -19.83 -15.55
CA LEU A 226 9.99 -19.86 -15.61
C LEU A 226 9.62 -19.10 -16.84
N ASN A 227 10.37 -18.04 -17.12
CA ASN A 227 10.10 -17.22 -18.29
C ASN A 227 10.33 -18.01 -19.59
N ARG A 228 11.35 -18.85 -19.60
CA ARG A 228 11.67 -19.65 -20.77
C ARG A 228 10.54 -20.63 -21.01
N LEU A 229 9.92 -21.02 -19.92
CA LEU A 229 8.83 -21.95 -19.98
C LEU A 229 7.60 -21.28 -20.55
N ILE A 230 7.04 -20.32 -19.84
CA ILE A 230 5.87 -19.66 -20.40
C ILE A 230 6.32 -19.22 -21.79
N GLY A 231 7.57 -18.80 -21.85
CA GLY A 231 8.16 -18.35 -23.10
C GLY A 231 8.00 -19.43 -24.14
N GLN A 232 7.67 -20.63 -23.69
CA GLN A 232 7.44 -21.77 -24.58
C GLN A 232 5.96 -21.94 -24.84
N ILE A 233 5.21 -22.20 -23.77
CA ILE A 233 3.77 -22.37 -23.87
C ILE A 233 3.15 -21.25 -24.69
N VAL A 234 3.69 -20.04 -24.54
CA VAL A 234 3.19 -18.89 -25.28
C VAL A 234 3.52 -19.02 -26.76
N SER A 235 4.72 -19.53 -27.05
CA SER A 235 5.13 -19.67 -28.43
C SER A 235 4.18 -20.56 -29.18
N SER A 236 3.55 -21.46 -28.43
CA SER A 236 2.59 -22.41 -28.99
C SER A 236 1.26 -21.76 -29.27
N ILE A 237 0.98 -20.69 -28.54
CA ILE A 237 -0.25 -19.96 -28.72
C ILE A 237 -0.13 -19.17 -30.02
N THR A 238 0.43 -17.96 -29.94
CA THR A 238 0.57 -17.09 -31.10
C THR A 238 1.54 -17.63 -32.13
N ALA A 239 2.82 -17.32 -31.94
CA ALA A 239 3.88 -17.72 -32.86
C ALA A 239 3.44 -18.74 -33.91
N SER A 240 3.59 -20.02 -33.55
CA SER A 240 3.28 -21.16 -34.40
C SER A 240 1.86 -21.26 -34.92
N LEU A 241 0.89 -20.89 -34.10
CA LEU A 241 -0.49 -20.99 -34.53
C LEU A 241 -0.81 -20.02 -35.65
N ARG A 242 -0.42 -18.76 -35.48
CA ARG A 242 -0.61 -17.74 -36.49
C ARG A 242 0.22 -18.15 -37.70
N PHE A 243 0.92 -19.26 -37.52
CA PHE A 243 1.80 -19.86 -38.53
C PHE A 243 1.05 -21.05 -39.15
N ASP A 244 1.06 -21.12 -40.49
CA ASP A 244 0.40 -22.17 -41.27
C ASP A 244 0.54 -23.55 -40.66
N GLY A 245 -0.37 -24.45 -40.99
CA GLY A 245 -0.31 -25.79 -40.44
C GLY A 245 -1.42 -26.66 -40.99
N ALA A 246 -1.50 -27.89 -40.49
CA ALA A 246 -2.51 -28.84 -40.96
C ALA A 246 -3.87 -28.67 -40.30
N LEU A 247 -3.95 -27.80 -39.29
CA LEU A 247 -5.21 -27.53 -38.60
C LEU A 247 -5.26 -26.17 -37.90
N ASN A 248 -4.79 -25.14 -38.59
CA ASN A 248 -4.76 -23.78 -38.07
C ASN A 248 -5.84 -23.41 -37.08
N VAL A 249 -5.48 -22.51 -36.16
CA VAL A 249 -6.38 -22.03 -35.12
C VAL A 249 -6.11 -20.54 -34.87
N ASP A 250 -7.04 -19.70 -35.34
CA ASP A 250 -6.95 -18.26 -35.20
C ASP A 250 -7.11 -17.82 -33.73
N LEU A 251 -6.76 -16.59 -33.39
CA LEU A 251 -6.92 -16.13 -32.02
C LEU A 251 -8.38 -16.15 -31.67
N THR A 252 -9.19 -15.58 -32.53
CA THR A 252 -10.63 -15.58 -32.28
C THR A 252 -10.96 -17.01 -31.89
N GLU A 253 -10.62 -17.96 -32.76
CA GLU A 253 -10.87 -19.38 -32.53
C GLU A 253 -10.88 -19.69 -31.05
N PHE A 254 -9.82 -19.31 -30.37
CA PHE A 254 -9.72 -19.55 -28.94
C PHE A 254 -10.98 -19.14 -28.24
N GLN A 255 -11.03 -17.88 -27.85
CA GLN A 255 -12.16 -17.36 -27.14
C GLN A 255 -13.47 -18.04 -27.55
N THR A 256 -13.64 -18.31 -28.84
CA THR A 256 -14.86 -18.99 -29.31
C THR A 256 -14.91 -20.40 -28.76
N ASN A 257 -13.94 -21.21 -29.15
CA ASN A 257 -13.88 -22.61 -28.71
C ASN A 257 -13.47 -22.75 -27.26
N LEU A 258 -13.04 -21.65 -26.63
CA LEU A 258 -12.56 -21.69 -25.24
C LEU A 258 -13.36 -21.03 -24.11
N VAL A 259 -14.20 -20.05 -24.43
CA VAL A 259 -14.98 -19.45 -23.36
C VAL A 259 -16.46 -19.76 -23.53
N PRO A 260 -17.06 -20.37 -22.51
CA PRO A 260 -18.47 -20.70 -22.63
C PRO A 260 -19.27 -19.50 -22.22
N TYR A 261 -18.66 -18.63 -21.41
CA TYR A 261 -19.39 -17.44 -20.94
C TYR A 261 -18.59 -16.15 -20.81
N PRO A 262 -19.21 -15.04 -21.18
CA PRO A 262 -18.66 -13.68 -21.16
C PRO A 262 -17.63 -13.35 -20.10
N ARG A 263 -17.70 -13.96 -18.93
CA ARG A 263 -16.68 -13.66 -17.94
C ARG A 263 -15.40 -13.93 -18.71
N GLY A 264 -14.49 -12.96 -18.74
CA GLY A 264 -13.22 -13.09 -19.47
C GLY A 264 -12.47 -14.36 -19.17
N HIS A 265 -13.27 -15.41 -18.90
CA HIS A 265 -12.80 -16.73 -18.53
C HIS A 265 -11.35 -16.99 -18.72
N PHE A 266 -10.80 -17.64 -17.71
CA PHE A 266 -9.41 -17.91 -17.62
C PHE A 266 -9.00 -19.37 -17.76
N PRO A 267 -8.54 -19.76 -18.95
CA PRO A 267 -8.12 -21.15 -19.05
C PRO A 267 -6.70 -21.28 -18.43
N LEU A 268 -6.16 -22.50 -18.42
CA LEU A 268 -4.82 -22.74 -17.85
C LEU A 268 -3.88 -23.23 -18.93
N ALA A 269 -2.61 -22.84 -18.87
CA ALA A 269 -1.65 -23.29 -19.89
C ALA A 269 -0.92 -24.53 -19.42
N THR A 270 -0.67 -25.45 -20.34
CA THR A 270 0.00 -26.71 -20.02
C THR A 270 0.89 -27.10 -21.19
N TYR A 271 2.03 -27.70 -20.92
CA TYR A 271 2.88 -28.10 -22.02
C TYR A 271 3.19 -29.57 -21.84
N ALA A 272 3.45 -30.30 -22.93
CA ALA A 272 3.70 -31.72 -22.74
C ALA A 272 5.16 -32.17 -22.59
N PRO A 273 5.93 -32.13 -23.68
CA PRO A 273 7.32 -32.59 -23.50
C PRO A 273 8.16 -31.66 -22.67
N VAL A 274 7.96 -31.70 -21.36
CA VAL A 274 8.72 -30.85 -20.45
C VAL A 274 9.78 -31.74 -19.89
N ILE A 275 10.50 -32.44 -20.76
CA ILE A 275 11.55 -33.31 -20.29
C ILE A 275 12.90 -32.58 -20.27
N SER A 276 13.79 -33.03 -19.39
CA SER A 276 15.11 -32.42 -19.22
C SER A 276 16.14 -32.73 -20.30
N ALA A 277 16.81 -31.71 -20.84
CA ALA A 277 17.80 -31.95 -21.88
C ALA A 277 19.15 -32.33 -21.33
N GLU A 278 19.18 -33.33 -20.48
CA GLU A 278 20.43 -33.78 -19.90
C GLU A 278 20.21 -35.10 -19.20
N LYS A 279 19.35 -35.06 -18.20
CA LYS A 279 19.05 -36.23 -17.41
C LYS A 279 18.53 -37.39 -18.24
N ALA A 280 17.25 -37.63 -18.08
CA ALA A 280 16.57 -38.71 -18.78
C ALA A 280 16.49 -38.45 -20.27
N TYR A 281 16.25 -39.52 -21.01
CA TYR A 281 16.09 -39.42 -22.44
C TYR A 281 15.31 -40.50 -23.08
N HIS A 282 14.02 -40.24 -23.14
CA HIS A 282 13.11 -41.16 -23.77
C HIS A 282 12.48 -40.28 -24.84
N GLU A 283 12.91 -39.01 -24.90
CA GLU A 283 12.41 -38.03 -25.88
C GLU A 283 11.33 -38.60 -26.80
N GLN A 284 11.71 -39.51 -27.71
CA GLN A 284 10.78 -40.15 -28.65
C GLN A 284 9.59 -40.69 -27.89
N LEU A 285 8.67 -39.79 -27.59
CA LEU A 285 7.50 -40.12 -26.82
C LEU A 285 6.24 -39.86 -27.66
N SER A 286 5.99 -40.73 -28.64
CA SER A 286 4.86 -40.56 -29.54
C SER A 286 3.66 -39.90 -28.91
N VAL A 287 2.92 -39.20 -29.75
CA VAL A 287 1.72 -38.48 -29.36
C VAL A 287 1.02 -39.16 -28.20
N ALA A 288 0.54 -40.35 -28.46
CA ALA A 288 -0.17 -41.16 -27.48
C ALA A 288 0.34 -40.91 -26.06
N GLU A 289 1.59 -40.50 -25.92
CA GLU A 289 2.16 -40.24 -24.60
C GLU A 289 2.09 -38.79 -24.17
N ILE A 290 2.64 -37.90 -24.98
CA ILE A 290 2.65 -36.47 -24.68
C ILE A 290 1.27 -35.86 -24.38
N THR A 291 0.21 -36.48 -24.88
CA THR A 291 -1.13 -35.97 -24.67
C THR A 291 -1.66 -36.42 -23.34
N ASN A 292 -1.24 -37.59 -22.90
CA ASN A 292 -1.70 -38.09 -21.64
C ASN A 292 -0.98 -37.29 -20.56
N ALA A 293 0.21 -36.82 -20.91
CA ALA A 293 1.06 -36.07 -19.99
C ALA A 293 0.56 -34.66 -19.74
N CYS A 294 -0.55 -34.31 -20.35
CA CYS A 294 -1.09 -32.98 -20.17
C CYS A 294 -2.11 -32.96 -19.08
N PHE A 295 -2.90 -34.03 -18.98
CA PHE A 295 -3.93 -34.08 -17.97
C PHE A 295 -3.50 -34.50 -16.57
N GLU A 296 -2.30 -35.06 -16.44
CA GLU A 296 -1.83 -35.40 -15.10
C GLU A 296 -1.58 -34.02 -14.51
N PRO A 297 -2.17 -33.72 -13.36
CA PRO A 297 -2.01 -32.43 -12.71
C PRO A 297 -0.60 -31.91 -12.43
N ALA A 298 0.40 -32.79 -12.44
CA ALA A 298 1.74 -32.34 -12.14
C ALA A 298 2.45 -31.85 -13.38
N ASN A 299 1.78 -31.06 -14.19
CA ASN A 299 2.45 -30.57 -15.38
C ASN A 299 1.64 -29.48 -16.04
N GLN A 300 1.03 -28.63 -15.23
CA GLN A 300 0.18 -27.64 -15.81
C GLN A 300 0.38 -26.16 -15.54
N MET A 301 1.55 -25.78 -15.10
CA MET A 301 1.80 -24.38 -14.86
C MET A 301 0.65 -23.69 -14.13
N VAL A 302 0.10 -24.37 -13.12
CA VAL A 302 -0.98 -23.81 -12.31
C VAL A 302 -1.36 -24.73 -11.16
N LYS A 303 -1.29 -24.19 -9.94
CA LYS A 303 -1.61 -24.93 -8.73
C LYS A 303 -3.11 -25.09 -8.59
N CYS A 304 -3.75 -25.52 -9.66
CA CYS A 304 -5.19 -25.72 -9.67
C CYS A 304 -5.49 -27.16 -9.96
N ASP A 305 -4.64 -28.05 -9.46
CA ASP A 305 -4.79 -29.50 -9.64
C ASP A 305 -6.27 -29.82 -9.84
N PRO A 306 -6.62 -30.55 -10.92
CA PRO A 306 -8.03 -30.88 -11.17
C PRO A 306 -8.67 -31.63 -10.00
N ARG A 307 -8.65 -30.95 -8.86
CA ARG A 307 -9.17 -31.43 -7.59
C ARG A 307 -10.66 -31.77 -7.67
N HIS A 308 -11.28 -31.38 -8.78
CA HIS A 308 -12.69 -31.63 -9.01
C HIS A 308 -13.14 -30.88 -10.25
N GLY A 309 -12.44 -29.78 -10.52
CA GLY A 309 -12.76 -28.96 -11.67
C GLY A 309 -12.91 -29.72 -12.97
N LYS A 310 -14.15 -29.78 -13.45
CA LYS A 310 -14.44 -30.46 -14.69
C LYS A 310 -14.02 -29.58 -15.83
N TYR A 311 -13.27 -30.14 -16.77
CA TYR A 311 -12.85 -29.35 -17.92
C TYR A 311 -14.16 -29.00 -18.61
N MET A 312 -14.15 -27.94 -19.42
CA MET A 312 -15.34 -27.56 -20.15
C MET A 312 -14.96 -27.15 -21.56
N ALA A 313 -13.68 -27.30 -21.88
CA ALA A 313 -13.18 -26.96 -23.20
C ALA A 313 -11.66 -26.89 -23.17
N CYS A 314 -11.03 -27.66 -24.04
CA CYS A 314 -9.59 -27.69 -24.11
C CYS A 314 -9.18 -27.46 -25.56
N CYS A 315 -8.09 -26.72 -25.74
CA CYS A 315 -7.60 -26.41 -27.07
C CYS A 315 -6.25 -27.05 -27.22
N LEU A 316 -6.24 -28.32 -27.62
CA LEU A 316 -4.98 -29.02 -27.76
C LEU A 316 -4.17 -28.56 -28.93
N LEU A 317 -3.24 -27.66 -28.69
CA LEU A 317 -2.38 -27.18 -29.76
C LEU A 317 -1.15 -28.08 -29.85
N TYR A 318 -1.03 -28.78 -30.96
CA TYR A 318 0.09 -29.66 -31.19
C TYR A 318 0.99 -28.97 -32.19
N ARG A 319 2.25 -29.39 -32.23
CA ARG A 319 3.21 -28.82 -33.13
C ARG A 319 4.26 -29.89 -33.39
N GLY A 320 4.77 -29.95 -34.62
CA GLY A 320 5.77 -30.95 -34.94
C GLY A 320 5.15 -32.07 -35.76
N ASP A 321 5.80 -33.22 -35.79
CA ASP A 321 5.30 -34.36 -36.55
C ASP A 321 4.17 -35.11 -35.86
N VAL A 322 2.93 -34.80 -36.27
CA VAL A 322 1.74 -35.40 -35.69
C VAL A 322 0.69 -35.79 -36.75
N VAL A 323 0.30 -37.06 -36.72
CA VAL A 323 -0.71 -37.60 -37.64
C VAL A 323 -2.08 -37.37 -37.04
N PRO A 324 -2.93 -36.62 -37.74
CA PRO A 324 -4.28 -36.32 -37.29
C PRO A 324 -5.05 -37.48 -36.70
N LYS A 325 -4.77 -38.70 -37.16
CA LYS A 325 -5.46 -39.87 -36.62
C LYS A 325 -4.87 -40.13 -35.25
N ASP A 326 -3.56 -40.00 -35.15
CA ASP A 326 -2.88 -40.19 -33.87
C ASP A 326 -3.60 -39.38 -32.83
N VAL A 327 -3.97 -38.16 -33.22
CA VAL A 327 -4.67 -37.25 -32.32
C VAL A 327 -6.11 -37.69 -32.20
N ASN A 328 -6.80 -37.76 -33.34
CA ASN A 328 -8.18 -38.18 -33.38
C ASN A 328 -8.22 -39.66 -33.02
N ALA A 329 -7.60 -39.95 -31.88
CA ALA A 329 -7.52 -41.30 -31.32
C ALA A 329 -6.97 -41.17 -29.92
N ALA A 330 -5.85 -40.47 -29.81
CA ALA A 330 -5.21 -40.23 -28.53
C ALA A 330 -6.20 -39.44 -27.68
N ILE A 331 -6.99 -38.61 -28.35
CA ILE A 331 -8.01 -37.81 -27.68
C ILE A 331 -9.22 -38.67 -27.40
N ALA A 332 -9.53 -39.57 -28.35
CA ALA A 332 -10.66 -40.47 -28.21
C ALA A 332 -10.46 -41.29 -26.96
N THR A 333 -9.27 -41.86 -26.82
CA THR A 333 -8.92 -42.66 -25.65
C THR A 333 -9.20 -41.86 -24.39
N ILE A 334 -8.83 -40.59 -24.41
CA ILE A 334 -9.04 -39.71 -23.28
C ILE A 334 -10.54 -39.51 -23.04
N LYS A 335 -11.26 -39.07 -24.07
CA LYS A 335 -12.69 -38.82 -23.92
C LYS A 335 -13.40 -39.95 -23.19
N THR A 336 -12.75 -41.10 -23.10
CA THR A 336 -13.36 -42.24 -22.43
C THR A 336 -12.61 -42.75 -21.21
N LYS A 337 -11.90 -41.84 -20.53
CA LYS A 337 -11.15 -42.20 -19.33
C LYS A 337 -12.02 -41.88 -18.12
N ARG A 338 -13.08 -41.12 -18.39
CA ARG A 338 -14.07 -40.71 -17.40
C ARG A 338 -13.53 -40.04 -16.14
N THR A 339 -12.45 -40.57 -15.59
CA THR A 339 -11.86 -40.00 -14.40
C THR A 339 -11.36 -38.59 -14.76
N ILE A 340 -11.57 -38.21 -16.04
CA ILE A 340 -11.18 -36.91 -16.55
C ILE A 340 -12.44 -36.08 -16.79
N GLN A 341 -13.55 -36.57 -16.23
CA GLN A 341 -14.87 -35.95 -16.30
C GLN A 341 -14.96 -34.53 -16.87
N PHE A 342 -15.61 -34.40 -18.05
CA PHE A 342 -15.82 -33.12 -18.72
C PHE A 342 -17.20 -32.63 -18.32
N VAL A 343 -17.46 -31.34 -18.48
CA VAL A 343 -18.76 -30.83 -18.08
C VAL A 343 -19.88 -31.60 -18.77
N ASP A 344 -21.08 -31.43 -18.24
CA ASP A 344 -22.27 -32.08 -18.76
C ASP A 344 -22.69 -31.45 -20.07
N TRP A 345 -23.15 -30.20 -19.96
CA TRP A 345 -23.62 -29.44 -21.10
C TRP A 345 -22.61 -29.35 -22.22
N CYS A 346 -21.58 -30.16 -22.14
CA CYS A 346 -20.58 -30.13 -23.18
C CYS A 346 -20.30 -31.52 -23.70
N PRO A 347 -20.80 -31.83 -24.89
CA PRO A 347 -20.59 -33.13 -25.52
C PRO A 347 -19.13 -33.33 -25.76
N THR A 348 -18.65 -32.56 -26.71
CA THR A 348 -17.25 -32.56 -27.12
C THR A 348 -16.66 -31.15 -26.96
N GLY A 349 -15.59 -31.10 -26.21
CA GLY A 349 -14.86 -29.85 -25.94
C GLY A 349 -13.37 -30.09 -26.11
N PHE A 350 -13.00 -30.33 -27.37
CA PHE A 350 -11.62 -30.61 -27.74
C PHE A 350 -11.27 -29.99 -29.09
N LYS A 351 -10.69 -28.82 -29.02
CA LYS A 351 -10.23 -28.09 -30.20
C LYS A 351 -8.81 -28.54 -30.53
N VAL A 352 -8.72 -29.37 -31.54
CA VAL A 352 -7.42 -29.92 -31.98
C VAL A 352 -6.74 -28.98 -32.97
N GLY A 353 -5.68 -28.37 -32.48
CA GLY A 353 -4.86 -27.44 -33.26
C GLY A 353 -3.53 -28.10 -33.59
N ILE A 354 -3.34 -28.30 -34.89
CA ILE A 354 -2.12 -28.93 -35.41
C ILE A 354 -1.29 -27.94 -36.23
N ASN A 355 -0.05 -27.84 -35.83
CA ASN A 355 0.95 -27.02 -36.50
C ASN A 355 1.99 -27.97 -37.09
N TYR A 356 2.88 -27.43 -37.90
CA TYR A 356 3.90 -28.25 -38.54
C TYR A 356 5.23 -28.21 -37.78
N GLU A 357 5.91 -27.10 -37.95
CA GLU A 357 7.24 -26.87 -37.34
C GLU A 357 7.28 -27.33 -35.88
N PRO A 358 8.16 -28.28 -35.53
CA PRO A 358 8.27 -28.75 -34.15
C PRO A 358 8.65 -27.60 -33.24
N PRO A 359 8.67 -27.78 -31.91
CA PRO A 359 9.06 -26.71 -30.99
C PRO A 359 10.49 -26.25 -31.25
N THR A 360 10.95 -25.27 -30.48
CA THR A 360 12.31 -24.77 -30.64
C THR A 360 12.85 -24.36 -29.30
N VAL A 361 13.65 -25.24 -28.73
CA VAL A 361 14.25 -25.07 -27.43
C VAL A 361 15.50 -24.20 -27.44
N VAL A 362 15.68 -23.45 -26.35
CA VAL A 362 16.84 -22.60 -26.17
C VAL A 362 18.05 -23.48 -26.42
N PRO A 363 19.03 -22.96 -27.18
CA PRO A 363 20.27 -23.66 -27.53
C PRO A 363 20.85 -24.51 -26.39
N GLY A 364 20.87 -23.93 -25.20
CA GLY A 364 21.43 -24.65 -24.06
C GLY A 364 20.88 -24.29 -22.70
N GLY A 365 19.57 -24.17 -22.61
CA GLY A 365 18.95 -23.86 -21.33
C GLY A 365 18.87 -25.15 -20.53
N ASP A 366 17.68 -25.74 -20.51
CA ASP A 366 17.45 -27.00 -19.79
C ASP A 366 16.24 -27.73 -20.33
N LEU A 367 15.70 -27.23 -21.44
CA LEU A 367 14.53 -27.84 -22.07
C LEU A 367 15.00 -28.94 -23.01
N ALA A 368 14.44 -30.13 -22.83
CA ALA A 368 14.78 -31.30 -23.64
C ALA A 368 15.11 -31.02 -25.09
N LYS A 369 14.05 -30.80 -25.87
CA LYS A 369 14.06 -30.53 -27.31
C LYS A 369 13.59 -31.78 -28.05
N VAL A 370 12.26 -31.91 -28.07
CA VAL A 370 11.58 -33.04 -28.71
C VAL A 370 11.19 -32.62 -30.12
N GLN A 371 10.53 -33.52 -30.83
CA GLN A 371 10.08 -33.24 -32.19
C GLN A 371 8.56 -33.27 -32.23
N ARG A 372 7.95 -32.74 -31.19
CA ARG A 372 6.51 -32.67 -31.09
C ARG A 372 6.15 -32.33 -29.64
N ALA A 373 5.13 -31.49 -29.47
CA ALA A 373 4.69 -31.06 -28.15
C ALA A 373 3.21 -30.75 -28.15
N VAL A 374 2.66 -30.66 -26.94
CA VAL A 374 1.23 -30.37 -26.74
C VAL A 374 1.00 -29.27 -25.73
N CYS A 375 0.70 -28.07 -26.22
CA CYS A 375 0.43 -26.92 -25.37
C CYS A 375 -1.09 -26.85 -25.27
N MET A 376 -1.63 -27.58 -24.32
CA MET A 376 -3.05 -27.63 -24.14
C MET A 376 -3.44 -26.65 -23.05
N LEU A 377 -4.44 -25.84 -23.36
CA LEU A 377 -4.93 -24.88 -22.42
C LEU A 377 -6.40 -25.18 -22.29
N SER A 378 -7.02 -24.74 -21.19
CA SER A 378 -8.42 -25.05 -20.97
C SER A 378 -9.08 -24.32 -19.83
N ASN A 379 -10.40 -24.34 -19.86
CA ASN A 379 -11.20 -23.74 -18.80
C ASN A 379 -11.61 -24.94 -17.97
N THR A 380 -11.29 -24.88 -16.68
CA THR A 380 -11.60 -25.98 -15.79
C THR A 380 -12.32 -25.44 -14.58
N THR A 381 -13.41 -26.08 -14.21
CA THR A 381 -14.18 -25.69 -13.04
C THR A 381 -13.25 -25.73 -11.83
N ALA A 382 -11.99 -26.05 -12.11
CA ALA A 382 -10.99 -26.16 -11.09
C ALA A 382 -10.66 -24.84 -10.46
N ILE A 383 -10.47 -23.81 -11.27
CA ILE A 383 -10.13 -22.52 -10.72
C ILE A 383 -11.13 -22.07 -9.66
N ALA A 384 -12.27 -22.75 -9.56
CA ALA A 384 -13.26 -22.44 -8.54
C ALA A 384 -12.43 -22.35 -7.27
N GLU A 385 -11.42 -23.21 -7.21
CA GLU A 385 -10.48 -23.24 -6.11
C GLU A 385 -9.66 -21.98 -6.18
N ALA A 386 -8.54 -22.05 -6.88
CA ALA A 386 -7.60 -20.94 -7.05
C ALA A 386 -8.16 -19.53 -6.79
N TRP A 387 -9.37 -19.26 -7.28
CA TRP A 387 -9.98 -17.95 -7.05
C TRP A 387 -10.39 -17.90 -5.59
N ALA A 388 -11.08 -18.94 -5.14
CA ALA A 388 -11.51 -19.06 -3.76
C ALA A 388 -10.35 -18.71 -2.85
N ARG A 389 -9.37 -19.60 -2.82
CA ARG A 389 -8.16 -19.44 -2.01
C ARG A 389 -7.49 -18.08 -2.09
N LEU A 390 -7.76 -17.34 -3.16
CA LEU A 390 -7.12 -16.05 -3.34
C LEU A 390 -8.03 -14.95 -2.86
N ASP A 391 -9.31 -15.26 -2.85
CA ASP A 391 -10.32 -14.31 -2.41
C ASP A 391 -10.27 -14.26 -0.90
N HIS A 392 -10.31 -15.44 -0.29
CA HIS A 392 -10.25 -15.60 1.14
C HIS A 392 -9.10 -14.74 1.66
N LYS A 393 -7.92 -14.94 1.10
CA LYS A 393 -6.73 -14.15 1.46
C LYS A 393 -7.16 -12.71 1.72
N PHE A 394 -7.61 -12.09 0.64
CA PHE A 394 -8.08 -10.71 0.60
C PHE A 394 -8.85 -10.33 1.85
N ASP A 395 -9.97 -11.01 2.08
CA ASP A 395 -10.82 -10.75 3.24
C ASP A 395 -10.01 -10.62 4.51
N LEU A 396 -9.28 -11.66 4.85
CA LEU A 396 -8.49 -11.64 6.05
C LEU A 396 -7.89 -10.28 6.30
N MET A 397 -7.23 -9.72 5.30
CA MET A 397 -6.59 -8.41 5.43
C MET A 397 -7.57 -7.26 5.41
N TYR A 398 -8.47 -7.28 4.43
CA TYR A 398 -9.46 -6.23 4.35
C TYR A 398 -10.21 -6.21 5.68
N ALA A 399 -10.48 -7.39 6.20
CA ALA A 399 -11.18 -7.52 7.45
C ALA A 399 -10.56 -6.63 8.53
N LYS A 400 -9.32 -6.20 8.30
CA LYS A 400 -8.61 -5.34 9.24
C LYS A 400 -8.06 -4.11 8.57
N ARG A 401 -8.44 -3.95 7.30
CA ARG A 401 -8.03 -2.82 6.51
C ARG A 401 -6.54 -2.86 6.17
N ALA A 402 -5.81 -3.73 6.85
CA ALA A 402 -4.38 -3.84 6.64
C ALA A 402 -3.86 -2.66 5.84
N PHE A 403 -3.19 -2.93 4.74
CA PHE A 403 -2.60 -1.85 3.93
C PHE A 403 -3.61 -1.07 3.13
N VAL A 404 -4.75 -0.75 3.73
CA VAL A 404 -5.75 -0.01 2.99
C VAL A 404 -5.34 1.44 2.83
N HIS A 405 -4.85 2.05 3.91
CA HIS A 405 -4.49 3.45 3.80
C HIS A 405 -3.54 3.74 2.66
N TRP A 406 -2.96 2.69 2.08
CA TRP A 406 -2.02 2.89 1.01
C TRP A 406 -2.70 3.12 -0.30
N TYR A 407 -3.95 2.68 -0.40
CA TYR A 407 -4.68 2.86 -1.65
C TYR A 407 -5.55 4.08 -1.55
N VAL A 408 -6.30 4.17 -0.47
CA VAL A 408 -7.21 5.28 -0.26
C VAL A 408 -6.44 6.55 -0.58
N GLY A 409 -5.30 6.70 0.08
CA GLY A 409 -4.48 7.87 -0.14
C GLY A 409 -3.95 7.91 -1.56
N GLU A 410 -4.51 7.07 -2.41
CA GLU A 410 -4.09 7.02 -3.79
C GLU A 410 -5.28 7.04 -4.74
N GLY A 411 -6.35 7.71 -4.32
CA GLY A 411 -7.51 7.81 -5.19
C GLY A 411 -8.29 6.54 -5.43
N MET A 412 -8.78 5.97 -4.32
CA MET A 412 -9.57 4.76 -4.31
C MET A 412 -10.51 4.97 -3.14
N GLU A 413 -11.34 3.98 -2.83
CA GLU A 413 -12.26 4.18 -1.74
C GLU A 413 -12.69 2.85 -1.15
N GLU A 414 -13.44 2.90 -0.06
CA GLU A 414 -13.94 1.68 0.55
C GLU A 414 -14.80 1.01 -0.51
N GLY A 415 -15.20 1.82 -1.50
CA GLY A 415 -16.02 1.29 -2.57
C GLY A 415 -15.25 0.28 -3.38
N GLU A 416 -14.34 0.76 -4.20
CA GLU A 416 -13.55 -0.11 -5.06
C GLU A 416 -13.14 -1.43 -4.45
N PHE A 417 -12.79 -1.45 -3.15
CA PHE A 417 -12.41 -2.72 -2.55
C PHE A 417 -13.66 -3.55 -2.35
N SER A 418 -14.48 -3.16 -1.39
CA SER A 418 -15.72 -3.88 -1.09
C SER A 418 -16.53 -4.21 -2.32
N GLU A 419 -16.53 -3.30 -3.30
CA GLU A 419 -17.32 -3.52 -4.49
C GLU A 419 -16.63 -4.36 -5.55
N ALA A 420 -15.37 -4.73 -5.32
CA ALA A 420 -14.61 -5.58 -6.24
C ALA A 420 -14.49 -6.95 -5.60
N ARG A 421 -14.86 -6.98 -4.33
CA ARG A 421 -14.85 -8.20 -3.58
C ARG A 421 -16.16 -8.87 -3.99
N GLU A 422 -17.26 -8.12 -3.84
CA GLU A 422 -18.58 -8.62 -4.24
C GLU A 422 -18.44 -9.13 -5.67
N ASP A 423 -17.64 -8.41 -6.46
CA ASP A 423 -17.41 -8.77 -7.86
C ASP A 423 -17.00 -10.22 -7.96
N MET A 424 -15.80 -10.52 -7.49
CA MET A 424 -15.31 -11.87 -7.56
C MET A 424 -16.24 -12.86 -6.89
N ALA A 425 -16.94 -12.43 -5.85
CA ALA A 425 -17.88 -13.32 -5.17
C ALA A 425 -18.68 -14.07 -6.23
N ALA A 426 -19.25 -13.32 -7.18
CA ALA A 426 -20.06 -13.90 -8.26
C ALA A 426 -19.19 -14.52 -9.34
N LEU A 427 -17.94 -14.78 -9.00
CA LEU A 427 -17.00 -15.43 -9.91
C LEU A 427 -16.72 -16.77 -9.26
N GLU A 428 -17.06 -16.85 -7.98
CA GLU A 428 -16.92 -18.06 -7.18
C GLU A 428 -18.22 -18.84 -7.36
N LYS A 429 -19.30 -18.11 -7.65
CA LYS A 429 -20.60 -18.71 -7.86
C LYS A 429 -20.70 -19.09 -9.33
N ASP A 430 -20.14 -18.24 -10.17
CA ASP A 430 -20.15 -18.46 -11.61
C ASP A 430 -19.43 -19.76 -11.93
N TYR A 431 -18.15 -19.82 -11.58
CA TYR A 431 -17.34 -21.00 -11.82
C TYR A 431 -17.85 -22.23 -11.11
N GLU A 432 -18.88 -22.02 -10.30
CA GLU A 432 -19.51 -23.10 -9.53
C GLU A 432 -20.75 -23.57 -10.27
N GLU A 433 -21.57 -22.62 -10.71
CA GLU A 433 -22.80 -22.93 -11.42
C GLU A 433 -22.56 -23.56 -12.79
N VAL A 434 -21.64 -22.98 -13.57
CA VAL A 434 -21.36 -23.50 -14.91
C VAL A 434 -20.85 -24.93 -14.84
N GLY A 435 -20.77 -25.46 -13.63
CA GLY A 435 -20.31 -26.82 -13.44
C GLY A 435 -20.90 -27.41 -12.18
N VAL A 436 -20.37 -28.56 -11.76
CA VAL A 436 -20.83 -29.23 -10.54
C VAL A 436 -22.32 -29.57 -10.60
N ASP A 437 -23.01 -29.00 -11.59
CA ASP A 437 -24.46 -29.21 -11.74
C ASP A 437 -24.85 -29.66 -13.14
N SER A 438 -25.94 -30.42 -13.24
CA SER A 438 -26.39 -30.93 -14.53
C SER A 438 -27.85 -30.56 -14.82
N ARG B 1 15.12 7.71 -10.06
CA ARG B 1 14.63 8.09 -8.70
C ARG B 1 15.79 8.66 -7.89
N GLU B 2 15.50 9.16 -6.69
CA GLU B 2 16.52 9.76 -5.81
C GLU B 2 16.16 9.79 -4.33
N ILE B 3 17.11 10.23 -3.51
CA ILE B 3 16.96 10.37 -2.05
C ILE B 3 18.03 11.37 -1.58
N VAL B 4 17.82 11.95 -0.40
CA VAL B 4 18.82 12.88 0.16
C VAL B 4 19.03 12.62 1.66
N HIS B 5 20.15 11.95 1.94
CA HIS B 5 20.54 11.57 3.28
C HIS B 5 20.55 12.77 4.20
N ILE B 6 20.37 12.51 5.50
CA ILE B 6 20.40 13.56 6.51
C ILE B 6 21.11 13.12 7.81
N GLN B 7 22.30 13.69 8.04
CA GLN B 7 23.13 13.37 9.22
C GLN B 7 22.86 14.25 10.45
N ALA B 8 21.72 14.06 11.09
CA ALA B 8 21.36 14.85 12.25
C ALA B 8 22.14 14.51 13.53
N GLY B 9 22.67 15.52 14.19
CA GLY B 9 23.42 15.29 15.42
C GLY B 9 24.80 14.74 15.18
N GLN B 10 25.48 14.33 16.25
CA GLN B 10 26.83 13.78 16.13
C GLN B 10 26.70 12.34 15.68
N CYS B 11 26.01 11.54 16.47
CA CYS B 11 25.85 10.14 16.13
C CYS B 11 25.42 10.04 14.68
N GLY B 12 24.20 10.48 14.41
CA GLY B 12 23.69 10.44 13.05
C GLY B 12 24.77 10.87 12.09
N ASN B 13 25.65 11.73 12.59
CA ASN B 13 26.73 12.25 11.77
C ASN B 13 27.86 11.21 11.70
N GLN B 14 28.38 10.81 12.86
CA GLN B 14 29.45 9.82 12.93
C GLN B 14 29.13 8.70 11.96
N ILE B 15 27.88 8.23 12.03
CA ILE B 15 27.38 7.17 11.16
C ILE B 15 27.39 7.59 9.69
N GLY B 16 27.11 8.87 9.45
CA GLY B 16 27.13 9.36 8.09
C GLY B 16 28.46 8.94 7.49
N ALA B 17 29.53 9.23 8.22
CA ALA B 17 30.85 8.89 7.75
C ALA B 17 30.97 7.41 7.43
N LYS B 18 30.27 6.57 8.17
CA LYS B 18 30.35 5.14 7.90
C LYS B 18 29.39 4.73 6.82
N PHE B 19 28.21 5.35 6.77
CA PHE B 19 27.26 5.02 5.74
C PHE B 19 27.81 5.44 4.38
N TRP B 20 28.57 6.52 4.37
CA TRP B 20 29.12 6.99 3.12
C TRP B 20 30.45 6.33 2.85
N GLU B 21 31.12 5.90 3.92
CA GLU B 21 32.39 5.21 3.78
C GLU B 21 32.04 4.03 2.89
N VAL B 22 31.06 3.25 3.35
CA VAL B 22 30.59 2.07 2.65
C VAL B 22 30.07 2.41 1.26
N ILE B 23 28.80 2.76 1.23
CA ILE B 23 28.07 3.12 0.03
C ILE B 23 28.96 3.55 -1.13
N SER B 24 29.93 4.41 -0.86
CA SER B 24 30.82 4.89 -1.91
C SER B 24 31.52 3.72 -2.58
N ASP B 25 32.22 2.91 -1.78
CA ASP B 25 32.94 1.73 -2.25
C ASP B 25 31.96 0.81 -2.98
N GLU B 26 30.70 0.84 -2.55
CA GLU B 26 29.63 0.04 -3.15
C GLU B 26 29.13 0.86 -4.35
N HIS B 27 29.97 1.77 -4.80
CA HIS B 27 29.65 2.63 -5.93
C HIS B 27 30.93 3.24 -6.51
N GLY B 28 32.07 2.64 -6.14
CA GLY B 28 33.37 3.08 -6.64
C GLY B 28 33.70 4.57 -6.66
N ILE B 29 33.30 5.29 -5.61
CA ILE B 29 33.56 6.71 -5.52
C ILE B 29 34.63 6.99 -4.46
N ASP B 30 35.82 7.33 -4.92
CA ASP B 30 36.96 7.63 -4.05
C ASP B 30 36.75 9.01 -3.44
N PRO B 31 37.39 9.29 -2.29
CA PRO B 31 37.25 10.59 -1.63
C PRO B 31 36.62 11.65 -2.51
N THR B 32 37.43 12.32 -3.34
CA THR B 32 36.89 13.34 -4.24
C THR B 32 36.88 12.74 -5.65
N GLY B 33 37.56 11.61 -5.79
CA GLY B 33 37.62 10.93 -7.08
C GLY B 33 36.25 10.68 -7.68
N SER B 34 36.21 9.90 -8.75
CA SER B 34 34.96 9.61 -9.42
C SER B 34 34.55 8.16 -9.26
N TYR B 35 34.09 7.60 -10.37
CA TYR B 35 33.64 6.23 -10.41
C TYR B 35 34.73 5.28 -10.93
N HIS B 36 35.43 4.65 -10.00
CA HIS B 36 36.49 3.68 -10.33
C HIS B 36 35.82 2.32 -10.49
N GLY B 37 34.54 2.28 -10.14
CA GLY B 37 33.73 1.08 -10.21
C GLY B 37 34.29 -0.11 -10.94
N ASP B 38 34.52 -1.18 -10.18
CA ASP B 38 35.05 -2.41 -10.74
C ASP B 38 34.17 -2.82 -11.90
N SER B 39 32.89 -2.45 -11.82
CA SER B 39 31.93 -2.78 -12.86
C SER B 39 31.42 -1.52 -13.58
N ASP B 40 30.28 -1.66 -14.24
CA ASP B 40 29.67 -0.57 -14.99
C ASP B 40 28.24 -0.36 -14.52
N LEU B 41 27.77 -1.29 -13.69
CA LEU B 41 26.41 -1.25 -13.15
C LEU B 41 26.28 -0.37 -11.90
N GLN B 42 27.39 -0.17 -11.20
CA GLN B 42 27.41 0.64 -9.98
C GLN B 42 27.36 2.12 -10.33
N LEU B 43 26.84 2.44 -11.51
CA LEU B 43 26.79 3.81 -11.98
C LEU B 43 25.49 4.27 -12.62
N GLU B 44 24.81 3.36 -13.30
CA GLU B 44 23.57 3.69 -13.97
C GLU B 44 22.47 4.17 -13.02
N ARG B 45 22.66 3.96 -11.73
CA ARG B 45 21.65 4.34 -10.75
C ARG B 45 22.20 5.20 -9.60
N ILE B 46 23.48 5.53 -9.62
CA ILE B 46 24.06 6.31 -8.54
C ILE B 46 23.23 7.52 -8.15
N ASN B 47 22.87 8.32 -9.14
CA ASN B 47 22.08 9.53 -8.95
C ASN B 47 21.35 9.53 -7.62
N VAL B 48 20.71 8.42 -7.29
CA VAL B 48 20.00 8.28 -6.03
C VAL B 48 20.70 8.95 -4.83
N TYR B 49 22.03 9.02 -4.87
CA TYR B 49 22.80 9.60 -3.78
C TYR B 49 23.83 10.67 -4.14
N TYR B 50 23.97 11.02 -5.41
CA TYR B 50 24.98 12.02 -5.79
C TYR B 50 24.48 13.10 -6.74
N ASN B 51 25.43 13.90 -7.23
CA ASN B 51 25.12 14.97 -8.18
C ASN B 51 26.26 15.20 -9.16
N GLU B 52 25.90 15.52 -10.40
CA GLU B 52 26.88 15.77 -11.46
C GLU B 52 27.28 17.24 -11.57
N ALA B 53 28.57 17.52 -11.36
CA ALA B 53 29.09 18.89 -11.46
C ALA B 53 30.32 18.89 -12.35
N ALA B 54 31.42 18.37 -11.83
CA ALA B 54 32.67 18.32 -12.59
C ALA B 54 32.58 17.24 -13.67
N GLY B 55 32.86 16.00 -13.29
CA GLY B 55 32.83 14.90 -14.22
C GLY B 55 33.57 13.73 -13.62
N ASN B 56 34.06 13.95 -12.41
CA ASN B 56 34.82 12.98 -11.64
C ASN B 56 34.41 13.21 -10.18
N LYS B 57 33.61 14.25 -9.98
CA LYS B 57 33.16 14.61 -8.66
C LYS B 57 31.65 14.45 -8.47
N TYR B 58 31.26 13.25 -8.08
CA TYR B 58 29.86 12.94 -7.80
C TYR B 58 29.81 13.15 -6.30
N VAL B 59 29.21 14.25 -5.87
CA VAL B 59 29.14 14.55 -4.43
C VAL B 59 27.92 14.03 -3.71
N PRO B 60 28.14 13.35 -2.59
CA PRO B 60 27.02 12.81 -1.80
C PRO B 60 26.01 13.91 -1.52
N ARG B 61 24.75 13.59 -1.75
CA ARG B 61 23.67 14.53 -1.55
C ARG B 61 22.99 14.28 -0.20
N ALA B 62 23.71 14.64 0.86
CA ALA B 62 23.22 14.48 2.22
C ALA B 62 23.29 15.81 2.94
N ILE B 63 22.82 15.84 4.17
CA ILE B 63 22.89 17.07 4.95
C ILE B 63 23.59 16.74 6.26
N LEU B 64 24.43 17.65 6.73
CA LEU B 64 25.15 17.45 7.99
C LEU B 64 24.73 18.54 8.97
N VAL B 65 23.78 18.17 9.82
CA VAL B 65 23.21 19.07 10.81
C VAL B 65 23.75 18.77 12.22
N ASP B 66 24.31 19.80 12.86
CA ASP B 66 24.88 19.64 14.19
C ASP B 66 25.26 20.98 14.84
N LEU B 67 25.00 21.09 16.13
CA LEU B 67 25.28 22.30 16.90
C LEU B 67 26.62 22.26 17.62
N GLU B 68 27.42 21.25 17.31
CA GLU B 68 28.74 21.07 17.93
C GLU B 68 29.75 21.06 16.80
N PRO B 69 30.53 22.12 16.67
CA PRO B 69 31.51 22.13 15.58
C PRO B 69 32.43 20.90 15.59
N GLY B 70 33.28 20.78 16.60
CA GLY B 70 34.21 19.66 16.71
C GLY B 70 33.82 18.39 15.98
N THR B 71 32.55 18.00 16.08
CA THR B 71 32.06 16.79 15.42
C THR B 71 32.27 16.85 13.92
N MET B 72 31.41 17.61 13.23
CA MET B 72 31.51 17.73 11.78
C MET B 72 32.93 18.10 11.36
N ASP B 73 33.68 18.69 12.30
CA ASP B 73 35.06 19.08 12.05
C ASP B 73 36.02 17.93 12.31
N SER B 74 35.46 16.74 12.51
CA SER B 74 36.23 15.52 12.74
C SER B 74 35.90 14.64 11.55
N VAL B 75 34.66 14.78 11.10
CA VAL B 75 34.15 14.04 9.96
C VAL B 75 34.65 14.70 8.70
N ARG B 76 34.85 16.01 8.77
CA ARG B 76 35.32 16.76 7.61
C ARG B 76 36.85 16.84 7.58
N SER B 77 37.51 16.44 8.67
CA SER B 77 38.97 16.49 8.73
C SER B 77 39.62 15.11 8.70
N GLY B 78 38.85 14.08 8.39
CA GLY B 78 39.39 12.73 8.35
C GLY B 78 39.43 12.12 6.96
N PRO B 79 39.01 10.85 6.81
CA PRO B 79 39.01 10.17 5.51
C PRO B 79 38.11 10.84 4.46
N PHE B 80 37.05 10.14 4.06
CA PHE B 80 36.11 10.64 3.06
C PHE B 80 35.54 12.02 3.39
N GLY B 81 35.94 12.58 4.54
CA GLY B 81 35.42 13.86 4.95
C GLY B 81 35.47 14.99 3.93
N GLN B 82 36.35 14.89 2.95
CA GLN B 82 36.47 15.97 1.96
C GLN B 82 35.75 15.73 0.64
N ILE B 83 34.57 15.10 0.70
CA ILE B 83 33.78 14.83 -0.50
C ILE B 83 32.47 15.61 -0.45
N PHE B 84 32.05 15.97 0.76
CA PHE B 84 30.82 16.74 0.93
C PHE B 84 31.10 18.18 0.51
N ARG B 85 30.21 18.77 -0.28
CA ARG B 85 30.38 20.16 -0.66
C ARG B 85 30.14 20.89 0.65
N PRO B 86 30.99 21.89 0.98
CA PRO B 86 30.85 22.65 2.23
C PRO B 86 29.42 23.16 2.49
N ASP B 87 28.72 23.41 1.40
CA ASP B 87 27.35 23.89 1.48
C ASP B 87 26.51 22.94 2.33
N ASN B 88 26.90 21.66 2.32
CA ASN B 88 26.20 20.60 3.06
C ASN B 88 26.28 20.75 4.57
N PHE B 89 27.39 21.29 5.06
CA PHE B 89 27.60 21.47 6.49
C PHE B 89 26.73 22.57 7.13
N VAL B 90 25.62 22.18 7.74
CA VAL B 90 24.78 23.18 8.40
C VAL B 90 25.07 23.05 9.88
N PHE B 91 26.11 23.76 10.31
CA PHE B 91 26.55 23.75 11.69
C PHE B 91 25.84 24.78 12.56
N GLY B 92 25.99 24.63 13.88
CA GLY B 92 25.39 25.56 14.82
C GLY B 92 26.42 25.70 15.91
N GLN B 93 27.40 26.56 15.71
CA GLN B 93 28.48 26.75 16.70
C GLN B 93 27.99 27.05 18.12
N SER B 94 26.69 27.19 18.27
CA SER B 94 26.07 27.46 19.57
C SER B 94 26.51 26.39 20.58
N GLY B 95 25.85 26.35 21.73
CA GLY B 95 26.17 25.33 22.71
C GLY B 95 25.27 24.15 22.40
N ALA B 96 25.81 23.12 21.75
CA ALA B 96 25.00 21.96 21.39
C ALA B 96 24.48 21.16 22.58
N GLY B 97 24.09 21.87 23.64
CA GLY B 97 23.59 21.23 24.84
C GLY B 97 22.84 19.93 24.61
N ASN B 98 23.00 18.99 25.53
CA ASN B 98 22.37 17.68 25.42
C ASN B 98 20.87 17.68 25.69
N ASN B 99 20.23 18.82 25.42
CA ASN B 99 18.81 18.94 25.67
C ASN B 99 17.96 18.92 24.41
N TRP B 100 16.99 18.00 24.40
CA TRP B 100 16.07 17.87 23.28
C TRP B 100 15.44 19.22 23.01
N ALA B 101 15.15 19.90 24.09
CA ALA B 101 14.54 21.21 24.03
C ALA B 101 15.52 22.22 23.52
N LYS B 102 16.81 22.02 23.76
CA LYS B 102 17.80 23.01 23.31
C LYS B 102 18.09 22.90 21.82
N GLY B 103 17.76 21.77 21.22
CA GLY B 103 18.01 21.61 19.80
C GLY B 103 16.73 21.51 18.98
N HIS B 104 15.59 21.72 19.63
CA HIS B 104 14.33 21.65 18.93
C HIS B 104 13.53 22.92 19.04
N TYR B 105 13.68 23.66 20.14
CA TYR B 105 12.94 24.91 20.32
C TYR B 105 13.77 26.18 20.42
N THR B 106 14.91 26.08 21.07
CA THR B 106 15.70 27.27 21.26
C THR B 106 16.91 27.44 20.42
N GLU B 107 17.78 26.46 20.42
CA GLU B 107 18.99 26.60 19.63
C GLU B 107 18.81 26.09 18.22
N GLY B 108 18.27 24.88 18.08
CA GLY B 108 18.08 24.31 16.76
C GLY B 108 17.10 25.06 15.89
N ALA B 109 16.02 25.54 16.48
CA ALA B 109 14.99 26.26 15.74
C ALA B 109 15.55 27.38 14.89
N GLU B 110 16.70 27.90 15.27
CA GLU B 110 17.29 28.99 14.50
C GLU B 110 17.99 28.43 13.28
N LEU B 111 18.86 27.46 13.51
CA LEU B 111 19.64 26.82 12.47
C LEU B 111 18.79 26.07 11.45
N VAL B 112 17.52 25.86 11.77
CA VAL B 112 16.61 25.13 10.89
C VAL B 112 16.43 25.74 9.51
N ASP B 113 16.02 27.01 9.46
CA ASP B 113 15.80 27.68 8.19
C ASP B 113 17.02 27.58 7.28
N SER B 114 18.21 27.70 7.86
CA SER B 114 19.45 27.61 7.09
C SER B 114 19.72 26.16 6.68
N VAL B 115 18.84 25.25 7.10
CA VAL B 115 18.98 23.85 6.75
C VAL B 115 17.97 23.63 5.65
N LEU B 116 16.69 23.82 5.98
CA LEU B 116 15.61 23.63 5.01
C LEU B 116 16.01 24.22 3.67
N ASP B 117 16.74 25.33 3.75
CA ASP B 117 17.22 26.05 2.59
C ASP B 117 17.93 25.05 1.69
N VAL B 118 18.91 24.36 2.26
CA VAL B 118 19.67 23.39 1.52
C VAL B 118 18.86 22.14 1.19
N VAL B 119 18.11 21.61 2.16
CA VAL B 119 17.31 20.42 1.90
C VAL B 119 16.41 20.64 0.67
N ARG B 120 16.26 21.91 0.27
CA ARG B 120 15.46 22.28 -0.90
C ARG B 120 16.39 22.39 -2.09
N LYS B 121 17.60 22.88 -1.85
CA LYS B 121 18.56 23.01 -2.93
C LYS B 121 18.87 21.60 -3.46
N GLU B 122 18.88 20.63 -2.55
CA GLU B 122 19.18 19.25 -2.90
C GLU B 122 17.98 18.52 -3.46
N SER B 123 16.79 18.83 -2.95
CA SER B 123 15.57 18.19 -3.42
C SER B 123 15.28 18.62 -4.84
N GLU B 124 15.41 19.92 -5.09
CA GLU B 124 15.16 20.50 -6.40
C GLU B 124 16.38 20.28 -7.30
N SER B 125 17.22 19.34 -6.92
CA SER B 125 18.40 19.00 -7.68
C SER B 125 17.90 18.71 -9.08
N CYS B 126 17.53 17.45 -9.31
CA CYS B 126 17.01 17.05 -10.61
C CYS B 126 16.13 15.80 -10.53
N ASP B 127 15.77 15.32 -11.72
CA ASP B 127 14.91 14.15 -11.90
C ASP B 127 13.76 14.14 -10.90
N CYS B 128 13.47 12.97 -10.35
CA CYS B 128 12.37 12.83 -9.40
C CYS B 128 12.85 12.32 -8.04
N LEU B 129 12.43 13.03 -6.99
CA LEU B 129 12.78 12.68 -5.63
C LEU B 129 11.87 11.57 -5.11
N GLN B 130 12.50 10.67 -4.37
CA GLN B 130 11.82 9.52 -3.75
C GLN B 130 11.53 9.80 -2.26
N GLY B 131 12.59 10.07 -1.54
CA GLY B 131 12.52 10.36 -0.10
C GLY B 131 13.89 10.75 0.45
N PHE B 132 13.93 10.90 1.78
CA PHE B 132 15.16 11.27 2.50
C PHE B 132 15.50 10.26 3.59
N GLN B 133 16.79 10.00 3.69
CA GLN B 133 17.37 9.11 4.72
C GLN B 133 17.75 9.97 5.91
N LEU B 134 17.42 9.50 7.09
CA LEU B 134 17.69 10.27 8.32
C LEU B 134 18.36 9.39 9.38
N THR B 135 19.55 9.83 9.74
CA THR B 135 20.37 9.18 10.78
C THR B 135 20.49 10.11 11.98
N HIS B 136 20.45 9.49 13.15
CA HIS B 136 20.55 10.22 14.41
C HIS B 136 20.30 9.28 15.58
N SER B 137 20.48 9.85 16.75
CA SER B 137 20.27 9.15 18.02
C SER B 137 19.21 9.88 18.82
N LEU B 138 18.31 9.11 19.40
CA LEU B 138 17.23 9.66 20.19
C LEU B 138 17.64 9.88 21.63
N GLY B 139 18.93 10.10 21.84
CA GLY B 139 19.43 10.34 23.18
C GLY B 139 20.34 11.54 23.31
N GLY B 140 19.92 12.66 22.74
CA GLY B 140 20.72 13.88 22.78
C GLY B 140 20.01 15.08 22.15
N GLY B 141 20.70 16.21 22.11
CA GLY B 141 20.10 17.41 21.55
C GLY B 141 20.04 17.39 20.04
N THR B 142 21.16 17.70 19.40
CA THR B 142 21.24 17.73 17.94
C THR B 142 20.68 16.51 17.25
N GLY B 143 20.42 15.46 18.00
CA GLY B 143 19.92 14.25 17.41
C GLY B 143 18.42 14.17 17.44
N SER B 144 17.88 13.93 18.62
CA SER B 144 16.44 13.79 18.80
C SER B 144 15.66 15.08 18.59
N GLY B 145 16.13 16.16 19.17
CA GLY B 145 15.43 17.42 19.04
C GLY B 145 15.53 18.05 17.67
N MET B 146 16.71 18.56 17.34
CA MET B 146 16.92 19.22 16.06
C MET B 146 16.69 18.36 14.81
N GLY B 147 16.97 17.07 14.90
CA GLY B 147 16.77 16.20 13.76
C GLY B 147 15.30 15.84 13.63
N THR B 148 14.64 15.79 14.78
CA THR B 148 13.24 15.45 14.80
C THR B 148 12.45 16.64 14.33
N LEU B 149 13.11 17.79 14.27
CA LEU B 149 12.45 18.98 13.78
C LEU B 149 12.64 18.99 12.27
N LEU B 150 13.87 18.74 11.85
CA LEU B 150 14.21 18.72 10.46
C LEU B 150 13.20 17.94 9.69
N ILE B 151 12.70 16.86 10.26
CA ILE B 151 11.71 16.05 9.55
C ILE B 151 10.32 16.66 9.59
N SER B 152 9.91 17.12 10.77
CA SER B 152 8.58 17.71 10.91
C SER B 152 8.39 18.81 9.87
N LYS B 153 9.50 19.39 9.42
CA LYS B 153 9.50 20.43 8.41
C LYS B 153 9.54 19.79 7.03
N ILE B 154 10.40 18.79 6.87
CA ILE B 154 10.50 18.07 5.62
C ILE B 154 9.10 17.54 5.23
N ARG B 155 8.44 16.85 6.17
CA ARG B 155 7.11 16.26 5.97
C ARG B 155 5.97 17.25 5.78
N GLU B 156 6.30 18.53 5.63
CA GLU B 156 5.30 19.56 5.46
C GLU B 156 5.58 20.12 4.09
N GLU B 157 6.82 19.93 3.67
CA GLU B 157 7.31 20.40 2.40
C GLU B 157 7.11 19.40 1.27
N TYR B 158 7.07 18.11 1.59
CA TYR B 158 6.85 17.11 0.55
C TYR B 158 6.18 15.89 1.14
N PRO B 159 4.93 16.05 1.60
CA PRO B 159 4.18 14.92 2.18
C PRO B 159 3.97 13.78 1.17
N ASP B 160 4.70 13.88 0.07
CA ASP B 160 4.65 12.90 -1.00
C ASP B 160 5.87 11.99 -0.93
N ARG B 161 7.06 12.58 -0.97
CA ARG B 161 8.28 11.80 -0.91
C ARG B 161 8.34 11.10 0.45
N ILE B 162 8.93 9.92 0.49
CA ILE B 162 9.04 9.13 1.73
C ILE B 162 10.08 9.64 2.73
N MET B 163 10.09 9.01 3.90
CA MET B 163 10.98 9.36 5.00
C MET B 163 11.44 8.19 5.85
N ASN B 164 12.58 7.63 5.50
CA ASN B 164 13.13 6.53 6.24
C ASN B 164 13.90 7.15 7.37
N THR B 165 13.76 6.58 8.55
CA THR B 165 14.46 7.10 9.70
C THR B 165 15.27 6.00 10.34
N PHE B 166 16.56 6.26 10.53
CA PHE B 166 17.48 5.35 11.18
C PHE B 166 17.77 5.93 12.56
N SER B 167 17.09 5.41 13.56
CA SER B 167 17.23 5.86 14.94
C SER B 167 18.01 4.89 15.83
N VAL B 168 18.85 5.46 16.67
CA VAL B 168 19.65 4.68 17.58
C VAL B 168 18.97 4.75 18.95
N VAL B 169 17.81 4.14 19.02
CA VAL B 169 17.04 4.08 20.25
C VAL B 169 17.95 3.74 21.43
N PRO B 170 17.76 4.40 22.57
CA PRO B 170 18.52 4.23 23.80
C PRO B 170 18.64 2.78 24.24
N SER B 171 19.86 2.27 24.15
CA SER B 171 20.14 0.89 24.52
C SER B 171 19.73 0.67 25.98
N PRO B 172 19.28 -0.55 26.29
CA PRO B 172 18.87 -0.86 27.67
C PRO B 172 20.00 -0.89 28.72
N LYS B 173 20.47 -2.10 29.04
CA LYS B 173 21.53 -2.31 30.02
C LYS B 173 22.18 -1.03 30.56
N VAL B 174 22.84 -0.27 29.68
CA VAL B 174 23.49 0.97 30.10
C VAL B 174 23.20 2.12 29.15
N SER B 175 22.84 3.28 29.71
CA SER B 175 22.53 4.45 28.90
C SER B 175 23.74 5.38 28.78
N ASP B 176 24.15 5.64 27.54
CA ASP B 176 25.30 6.47 27.28
C ASP B 176 25.06 7.93 27.52
N THR B 177 23.96 8.22 28.23
CA THR B 177 23.56 9.56 28.62
C THR B 177 22.65 9.42 29.84
N VAL B 178 22.22 10.53 30.42
CA VAL B 178 21.37 10.46 31.61
C VAL B 178 19.92 10.80 31.44
N VAL B 179 19.63 11.82 30.65
CA VAL B 179 18.26 12.21 30.43
C VAL B 179 17.66 11.36 29.34
N GLU B 180 18.53 10.66 28.62
CA GLU B 180 18.19 9.77 27.54
C GLU B 180 16.69 9.60 27.26
N PRO B 181 15.91 9.03 28.21
CA PRO B 181 14.46 8.86 27.99
C PRO B 181 13.73 10.16 27.71
N TYR B 182 14.32 11.27 28.13
CA TYR B 182 13.76 12.59 27.89
C TYR B 182 13.98 12.92 26.42
N ASN B 183 15.24 12.97 26.01
CA ASN B 183 15.56 13.24 24.63
C ASN B 183 14.90 12.20 23.71
N ALA B 184 14.71 10.98 24.21
CA ALA B 184 14.11 9.92 23.40
C ALA B 184 12.61 10.03 23.27
N THR B 185 11.90 9.79 24.35
CA THR B 185 10.46 9.85 24.33
C THR B 185 10.00 11.03 23.48
N LEU B 186 10.72 12.14 23.60
CA LEU B 186 10.38 13.34 22.85
C LEU B 186 10.60 13.24 21.35
N SER B 187 11.58 12.46 20.93
CA SER B 187 11.86 12.33 19.51
C SER B 187 11.01 11.25 18.86
N VAL B 188 10.77 10.13 19.57
CA VAL B 188 9.94 9.05 19.01
C VAL B 188 8.56 9.62 18.67
N HIS B 189 8.10 10.49 19.56
CA HIS B 189 6.85 11.20 19.44
C HIS B 189 6.78 11.79 18.02
N GLN B 190 7.77 12.63 17.70
CA GLN B 190 7.90 13.31 16.39
C GLN B 190 8.00 12.32 15.23
N LEU B 191 8.61 11.17 15.50
CA LEU B 191 8.78 10.12 14.50
C LEU B 191 7.46 9.46 14.11
N VAL B 192 6.74 8.95 15.12
CA VAL B 192 5.45 8.27 14.96
C VAL B 192 4.48 9.14 14.20
N GLU B 193 4.92 10.35 13.86
CA GLU B 193 4.02 11.27 13.20
C GLU B 193 4.56 12.10 12.06
N ASN B 194 5.64 11.62 11.44
CA ASN B 194 6.22 12.29 10.30
C ASN B 194 6.88 11.26 9.39
N THR B 195 8.06 10.75 9.75
CA THR B 195 8.70 9.72 8.91
C THR B 195 7.77 8.51 8.78
N ASP B 196 7.88 7.73 7.69
CA ASP B 196 7.00 6.57 7.52
C ASP B 196 7.68 5.23 7.40
N GLU B 197 8.95 5.19 7.84
CA GLU B 197 9.80 3.98 7.85
C GLU B 197 10.96 4.30 8.78
N THR B 198 11.02 3.61 9.91
CA THR B 198 12.08 3.83 10.88
C THR B 198 12.83 2.54 11.18
N TYR B 199 14.15 2.60 11.11
CA TYR B 199 14.97 1.43 11.41
C TYR B 199 15.79 1.69 12.69
N CYS B 200 15.28 1.18 13.81
CA CYS B 200 15.86 1.32 15.14
C CYS B 200 16.99 0.37 15.45
N ILE B 201 18.16 0.94 15.72
CA ILE B 201 19.36 0.20 16.02
C ILE B 201 19.77 0.45 17.47
N ASP B 202 20.35 -0.57 18.12
CA ASP B 202 20.77 -0.49 19.52
C ASP B 202 22.25 -0.78 19.74
N ASN B 203 23.00 0.24 20.13
CA ASN B 203 24.42 0.09 20.35
C ASN B 203 24.81 -1.19 21.06
N GLU B 204 23.94 -1.74 21.90
CA GLU B 204 24.25 -2.99 22.63
C GLU B 204 23.70 -4.25 21.95
N ALA B 205 22.75 -4.06 21.04
CA ALA B 205 22.23 -5.19 20.32
C ALA B 205 23.32 -5.49 19.31
N LEU B 206 24.05 -4.44 18.95
CA LEU B 206 25.15 -4.51 18.00
C LEU B 206 26.34 -5.17 18.66
N TYR B 207 26.78 -4.61 19.78
CA TYR B 207 27.91 -5.19 20.49
C TYR B 207 27.69 -6.68 20.44
N ASP B 208 26.66 -7.14 21.13
CA ASP B 208 26.34 -8.56 21.15
C ASP B 208 26.56 -9.15 19.78
N ILE B 209 25.69 -8.80 18.86
CA ILE B 209 25.77 -9.29 17.49
C ILE B 209 27.13 -9.07 16.85
N CYS B 210 27.95 -8.25 17.48
CA CYS B 210 29.27 -7.93 16.95
C CYS B 210 30.41 -8.56 17.73
N PHE B 211 30.12 -9.06 18.92
CA PHE B 211 31.13 -9.68 19.75
C PHE B 211 30.93 -11.21 19.85
N ARG B 212 29.77 -11.69 19.41
CA ARG B 212 29.53 -13.12 19.44
C ARG B 212 29.21 -13.67 18.05
N THR B 213 28.78 -12.80 17.14
CA THR B 213 28.46 -13.22 15.78
C THR B 213 29.62 -12.82 14.87
N LEU B 214 30.59 -12.16 15.48
CA LEU B 214 31.85 -11.72 14.90
C LEU B 214 32.67 -11.82 16.15
N LYS B 215 33.48 -12.87 16.26
CA LYS B 215 34.30 -13.06 17.44
C LYS B 215 35.06 -11.78 17.82
N LEU B 216 34.75 -10.69 17.12
CA LEU B 216 35.37 -9.38 17.34
C LEU B 216 35.42 -9.04 18.84
N THR B 217 36.64 -8.94 19.37
CA THR B 217 36.87 -8.63 20.79
C THR B 217 36.88 -7.14 21.15
N THR B 218 37.30 -6.29 20.23
CA THR B 218 37.34 -4.85 20.49
C THR B 218 36.46 -4.11 19.48
N PRO B 219 35.14 -4.23 19.64
CA PRO B 219 34.20 -3.57 18.74
C PRO B 219 34.13 -2.07 18.95
N THR B 220 35.00 -1.35 18.27
CA THR B 220 35.00 0.10 18.37
C THR B 220 33.69 0.63 17.81
N TYR B 221 33.40 1.91 18.03
CA TYR B 221 32.18 2.49 17.48
C TYR B 221 32.22 2.33 15.98
N GLY B 222 33.32 2.78 15.37
CA GLY B 222 33.47 2.69 13.94
C GLY B 222 32.83 1.42 13.41
N ASP B 223 33.05 0.33 14.15
CA ASP B 223 32.51 -0.96 13.76
C ASP B 223 31.00 -0.90 13.79
N LEU B 224 30.43 -0.83 14.99
CA LEU B 224 28.99 -0.77 15.13
C LEU B 224 28.43 -0.01 13.95
N ASN B 225 28.87 1.25 13.84
CA ASN B 225 28.45 2.13 12.76
C ASN B 225 28.54 1.37 11.44
N HIS B 226 29.72 0.83 11.20
CA HIS B 226 29.99 0.09 9.99
C HIS B 226 28.95 -1.01 9.72
N LEU B 227 28.62 -1.77 10.75
CA LEU B 227 27.64 -2.83 10.62
C LEU B 227 26.28 -2.25 10.21
N VAL B 228 25.88 -1.23 10.92
CA VAL B 228 24.60 -0.55 10.66
C VAL B 228 24.54 -0.11 9.19
N SER B 229 25.52 0.70 8.84
CA SER B 229 25.65 1.28 7.49
C SER B 229 25.56 0.18 6.43
N ALA B 230 25.88 -1.02 6.86
CA ALA B 230 25.87 -2.20 5.98
C ALA B 230 24.43 -2.58 5.61
N THR B 231 23.55 -2.36 6.57
CA THR B 231 22.12 -2.68 6.44
C THR B 231 21.38 -1.61 5.61
N MET B 232 21.68 -0.36 5.90
CA MET B 232 21.01 0.76 5.21
C MET B 232 21.43 0.81 3.74
N SER B 233 22.47 0.07 3.41
CA SER B 233 22.97 -0.01 2.03
C SER B 233 22.20 -1.08 1.27
N GLY B 234 21.87 -2.13 2.01
CA GLY B 234 21.11 -3.27 1.49
C GLY B 234 19.68 -2.83 1.17
N VAL B 235 19.19 -1.97 2.05
CA VAL B 235 17.85 -1.41 1.95
C VAL B 235 17.70 -0.60 0.66
N THR B 236 18.05 0.67 0.80
CA THR B 236 17.99 1.65 -0.29
C THR B 236 18.85 1.22 -1.48
N THR B 237 19.91 1.99 -1.65
CA THR B 237 20.89 1.82 -2.73
C THR B 237 20.74 0.49 -3.46
N CYS B 238 20.75 -0.58 -2.68
CA CYS B 238 20.60 -1.92 -3.22
C CYS B 238 19.45 -2.00 -4.20
N LEU B 239 18.23 -1.87 -3.69
CA LEU B 239 17.06 -1.97 -4.53
C LEU B 239 17.06 -1.05 -5.73
N ARG B 240 17.99 -0.10 -5.74
CA ARG B 240 18.10 0.81 -6.85
C ARG B 240 19.05 0.16 -7.84
N PHE B 241 19.06 -1.17 -7.78
CA PHE B 241 19.84 -2.02 -8.65
C PHE B 241 18.83 -2.92 -9.33
N PRO B 242 19.25 -3.66 -10.35
CA PRO B 242 18.33 -4.55 -11.04
C PRO B 242 17.98 -5.72 -10.13
N GLY B 243 17.13 -6.61 -10.61
CA GLY B 243 16.76 -7.77 -9.82
C GLY B 243 15.62 -8.53 -10.47
N GLN B 244 15.55 -9.83 -10.22
CA GLN B 244 14.49 -10.62 -10.82
C GLN B 244 13.20 -10.00 -10.29
N LEU B 245 13.22 -9.69 -9.01
CA LEU B 245 12.08 -9.07 -8.34
C LEU B 245 12.57 -7.93 -7.47
N ASN B 246 12.64 -6.73 -8.03
CA ASN B 246 13.12 -5.63 -7.25
C ASN B 246 11.99 -4.79 -6.69
N ALA B 247 12.32 -4.11 -5.60
CA ALA B 247 11.39 -3.23 -4.93
C ALA B 247 12.13 -1.91 -4.74
N ASP B 248 11.53 -0.98 -4.02
CA ASP B 248 12.12 0.34 -3.76
C ASP B 248 11.34 0.99 -2.64
N LEU B 249 12.04 1.71 -1.78
CA LEU B 249 11.45 2.37 -0.63
C LEU B 249 9.95 2.21 -0.51
N ARG B 250 9.21 2.63 -1.53
CA ARG B 250 7.78 2.47 -1.44
C ARG B 250 7.37 1.01 -1.28
N LYS B 251 7.68 0.15 -2.26
CA LYS B 251 7.31 -1.26 -2.13
C LYS B 251 7.55 -1.60 -0.68
N LEU B 252 8.78 -1.36 -0.23
CA LEU B 252 9.18 -1.63 1.16
C LEU B 252 8.18 -0.99 2.11
N ALA B 253 7.79 0.24 1.80
CA ALA B 253 6.85 0.92 2.66
C ALA B 253 5.45 0.36 2.44
N VAL B 254 5.01 0.29 1.20
CA VAL B 254 3.68 -0.20 0.91
C VAL B 254 3.45 -1.69 1.14
N ASN B 255 4.42 -2.38 1.70
CA ASN B 255 4.28 -3.82 1.97
C ASN B 255 4.55 -4.04 3.43
N MET B 256 5.08 -3.02 4.07
CA MET B 256 5.47 -3.17 5.46
C MET B 256 4.68 -2.42 6.49
N VAL B 257 3.91 -1.44 6.06
CA VAL B 257 3.16 -0.69 7.04
C VAL B 257 1.68 -0.93 6.92
N PRO B 258 1.14 -1.81 7.76
CA PRO B 258 -0.29 -2.09 7.69
C PRO B 258 -1.05 -0.90 8.24
N PHE B 259 -0.54 -0.27 9.29
CA PHE B 259 -1.27 0.85 9.85
C PHE B 259 -0.43 2.11 10.11
N PRO B 260 -0.79 3.20 9.42
CA PRO B 260 -0.25 4.56 9.39
C PRO B 260 0.65 5.08 10.49
N ARG B 261 0.70 4.45 11.65
CA ARG B 261 1.57 4.94 12.71
C ARG B 261 2.90 5.35 12.09
N LEU B 262 3.41 4.46 11.26
CA LEU B 262 4.68 4.60 10.55
C LEU B 262 5.40 3.32 10.87
N HIS B 263 5.22 2.89 12.11
CA HIS B 263 5.85 1.67 12.56
C HIS B 263 7.34 1.64 12.33
N PHE B 264 8.00 0.99 13.27
CA PHE B 264 9.43 0.91 13.24
C PHE B 264 9.80 -0.53 13.01
N PHE B 265 10.91 -0.70 12.31
CA PHE B 265 11.40 -2.01 11.95
C PHE B 265 12.65 -2.35 12.72
N MET B 266 13.30 -3.43 12.32
CA MET B 266 14.51 -3.86 12.98
C MET B 266 15.29 -4.54 11.89
N PRO B 267 16.34 -3.88 11.40
CA PRO B 267 17.18 -4.43 10.33
C PRO B 267 18.14 -5.55 10.75
N GLY B 268 18.40 -6.47 9.81
CA GLY B 268 19.29 -7.59 10.06
C GLY B 268 20.01 -7.92 8.77
N PHE B 269 21.34 -8.07 8.86
CA PHE B 269 22.14 -8.39 7.69
C PHE B 269 22.25 -9.90 7.55
N ALA B 270 22.64 -10.38 6.37
CA ALA B 270 22.76 -11.81 6.14
C ALA B 270 24.09 -12.43 6.49
N PRO B 271 25.05 -12.47 5.54
CA PRO B 271 26.30 -13.12 5.94
C PRO B 271 26.98 -12.35 7.05
N LEU B 272 26.85 -12.84 8.27
CA LEU B 272 27.50 -12.17 9.36
C LEU B 272 28.41 -13.17 10.04
N THR B 273 29.47 -13.55 9.33
CA THR B 273 30.42 -14.53 9.85
C THR B 273 31.78 -13.90 10.16
N SER B 274 32.45 -14.38 11.19
CA SER B 274 33.76 -13.87 11.58
C SER B 274 34.73 -14.02 10.42
N ARG B 275 35.75 -13.16 10.35
CA ARG B 275 36.68 -13.21 9.21
C ARG B 275 37.22 -14.56 8.75
N GLY B 276 38.50 -14.82 9.02
CA GLY B 276 39.12 -16.08 8.60
C GLY B 276 38.25 -17.34 8.68
N SER B 277 38.43 -18.11 9.73
CA SER B 277 37.70 -19.35 9.98
C SER B 277 36.29 -19.41 9.45
N GLN B 278 35.34 -18.97 10.26
CA GLN B 278 33.93 -18.97 9.94
C GLN B 278 33.58 -18.95 8.45
N GLN B 279 34.39 -18.25 7.64
CA GLN B 279 34.24 -18.12 6.17
C GLN B 279 33.89 -19.50 5.64
N TYR B 280 32.73 -19.94 6.13
CA TYR B 280 32.15 -21.21 5.86
C TYR B 280 31.46 -21.25 4.53
N ARG B 281 31.05 -20.09 4.04
CA ARG B 281 30.38 -20.02 2.76
C ARG B 281 29.03 -20.70 2.84
N ALA B 282 28.64 -21.21 4.00
CA ALA B 282 27.33 -21.82 4.11
C ALA B 282 26.43 -20.63 3.86
N LEU B 283 26.23 -20.32 2.59
CA LEU B 283 25.40 -19.20 2.20
C LEU B 283 24.55 -19.65 1.04
N THR B 284 24.29 -20.95 0.90
CA THR B 284 23.48 -21.43 -0.23
C THR B 284 22.20 -20.59 -0.27
N VAL B 285 21.60 -20.35 0.90
CA VAL B 285 20.39 -19.55 1.09
C VAL B 285 19.70 -19.94 2.39
N PRO B 286 19.47 -21.24 2.59
CA PRO B 286 18.82 -21.59 3.85
C PRO B 286 19.68 -21.06 4.96
N GLU B 287 20.93 -20.77 4.65
CA GLU B 287 21.83 -20.27 5.64
C GLU B 287 21.59 -18.81 5.91
N LEU B 288 21.14 -18.07 4.91
CA LEU B 288 20.84 -16.65 5.10
C LEU B 288 19.53 -16.48 5.87
N THR B 289 18.52 -17.26 5.54
CA THR B 289 17.27 -17.16 6.26
C THR B 289 17.52 -17.71 7.65
N GLN B 290 18.41 -18.67 7.76
CA GLN B 290 18.71 -19.21 9.07
C GLN B 290 19.12 -17.97 9.86
N GLN B 291 20.14 -17.30 9.34
CA GLN B 291 20.67 -16.09 9.95
C GLN B 291 19.52 -15.13 10.24
N MET B 292 19.30 -14.21 9.31
CA MET B 292 18.25 -13.18 9.39
C MET B 292 17.11 -13.42 10.37
N PHE B 293 16.50 -14.60 10.33
CA PHE B 293 15.38 -14.87 11.19
C PHE B 293 15.61 -15.38 12.61
N ASP B 294 16.86 -15.39 13.07
CA ASP B 294 17.10 -15.84 14.43
C ASP B 294 16.92 -14.63 15.36
N ALA B 295 16.89 -14.88 16.66
CA ALA B 295 16.75 -13.78 17.60
C ALA B 295 17.99 -12.94 17.41
N LYS B 296 19.07 -13.31 18.10
CA LYS B 296 20.30 -12.57 17.94
C LYS B 296 20.44 -12.36 16.46
N ASN B 297 21.01 -11.23 16.08
CA ASN B 297 21.22 -10.84 14.70
C ASN B 297 20.21 -9.78 14.29
N MET B 298 19.36 -9.40 15.23
CA MET B 298 18.38 -8.35 14.99
C MET B 298 18.95 -7.09 15.64
N MET B 299 19.44 -6.16 14.83
CA MET B 299 20.03 -4.94 15.35
C MET B 299 19.24 -4.29 16.44
N ALA B 300 17.97 -4.67 16.56
CA ALA B 300 17.11 -4.14 17.60
C ALA B 300 17.53 -4.75 18.92
N ALA B 301 16.95 -4.26 20.01
CA ALA B 301 17.31 -4.79 21.33
C ALA B 301 16.40 -5.95 21.60
N CYS B 302 15.11 -5.72 21.38
CA CYS B 302 14.14 -6.76 21.63
C CYS B 302 14.35 -7.97 20.74
N ASP B 303 13.78 -9.08 21.16
CA ASP B 303 13.88 -10.33 20.44
C ASP B 303 12.55 -10.71 19.80
N PRO B 304 12.55 -10.87 18.47
CA PRO B 304 11.37 -11.23 17.69
C PRO B 304 10.58 -12.32 18.36
N ARG B 305 11.29 -13.33 18.84
CA ARG B 305 10.67 -14.47 19.49
C ARG B 305 9.73 -14.02 20.60
N HIS B 306 9.75 -12.72 20.91
CA HIS B 306 8.89 -12.16 21.97
C HIS B 306 7.67 -11.42 21.43
N GLY B 307 7.31 -11.67 20.18
CA GLY B 307 6.18 -11.00 19.60
C GLY B 307 6.05 -11.18 18.09
N ARG B 308 4.84 -11.49 17.63
CA ARG B 308 4.56 -11.72 16.22
C ARG B 308 5.17 -10.67 15.31
N TYR B 309 5.06 -10.92 14.01
CA TYR B 309 5.53 -10.00 13.01
C TYR B 309 4.31 -9.55 12.23
N LEU B 310 4.39 -8.41 11.57
CA LEU B 310 3.29 -7.94 10.77
C LEU B 310 3.79 -8.08 9.36
N THR B 311 5.02 -7.68 9.16
CA THR B 311 5.60 -7.75 7.84
C THR B 311 7.08 -8.03 7.96
N VAL B 312 7.63 -8.54 6.88
CA VAL B 312 9.03 -8.86 6.82
C VAL B 312 9.45 -8.63 5.38
N ALA B 313 10.67 -8.18 5.20
CA ALA B 313 11.16 -7.90 3.86
C ALA B 313 12.56 -8.38 3.71
N ALA B 314 12.73 -9.57 3.16
CA ALA B 314 14.07 -10.08 2.97
C ALA B 314 14.52 -9.48 1.67
N VAL B 315 15.29 -8.41 1.77
CA VAL B 315 15.78 -7.79 0.56
C VAL B 315 17.15 -8.43 0.22
N PHE B 316 17.13 -9.57 -0.49
CA PHE B 316 18.34 -10.27 -0.87
C PHE B 316 18.99 -9.53 -2.02
N ARG B 317 20.30 -9.72 -2.19
CA ARG B 317 21.04 -9.09 -3.28
C ARG B 317 22.26 -9.92 -3.68
N GLY B 318 22.00 -10.95 -4.49
CA GLY B 318 23.05 -11.85 -4.95
C GLY B 318 22.34 -12.96 -5.70
N ARG B 319 22.82 -13.29 -6.90
CA ARG B 319 22.18 -14.33 -7.74
C ARG B 319 21.73 -15.62 -7.03
N MET B 320 20.41 -15.84 -7.04
CA MET B 320 19.77 -17.00 -6.41
C MET B 320 18.47 -17.37 -7.11
N SER B 321 17.99 -18.57 -6.81
CA SER B 321 16.78 -19.12 -7.40
C SER B 321 15.50 -18.58 -6.78
N MET B 322 14.72 -17.90 -7.61
CA MET B 322 13.45 -17.35 -7.18
C MET B 322 12.61 -18.46 -6.62
N LYS B 323 13.16 -19.67 -6.69
CA LYS B 323 12.49 -20.84 -6.16
C LYS B 323 13.03 -21.13 -4.78
N GLU B 324 14.35 -21.23 -4.64
CA GLU B 324 14.91 -21.51 -3.32
C GLU B 324 14.78 -20.33 -2.38
N VAL B 325 14.30 -19.21 -2.93
CA VAL B 325 14.08 -18.01 -2.14
C VAL B 325 12.63 -18.03 -1.77
N ASP B 326 11.78 -17.96 -2.78
CA ASP B 326 10.36 -17.98 -2.56
C ASP B 326 9.95 -19.17 -1.71
N GLU B 327 10.67 -20.27 -1.87
CA GLU B 327 10.35 -21.48 -1.10
C GLU B 327 10.70 -21.37 0.38
N GLN B 328 11.99 -21.23 0.66
CA GLN B 328 12.48 -21.10 2.02
C GLN B 328 11.53 -20.26 2.85
N MET B 329 11.33 -19.02 2.41
CA MET B 329 10.45 -18.06 3.06
C MET B 329 9.19 -18.71 3.61
N LEU B 330 8.68 -19.69 2.87
CA LEU B 330 7.48 -20.40 3.26
C LEU B 330 7.66 -21.25 4.52
N ASN B 331 8.50 -22.27 4.43
CA ASN B 331 8.74 -23.14 5.59
C ASN B 331 8.93 -22.22 6.77
N VAL B 332 9.74 -21.20 6.59
CA VAL B 332 9.98 -20.25 7.66
C VAL B 332 8.67 -19.73 8.19
N GLN B 333 7.73 -19.44 7.28
CA GLN B 333 6.43 -18.94 7.67
C GLN B 333 5.54 -19.99 8.32
N ASN B 334 5.93 -21.26 8.18
CA ASN B 334 5.15 -22.33 8.77
C ASN B 334 5.77 -22.94 10.02
N LYS B 335 7.10 -22.95 10.08
CA LYS B 335 7.78 -23.48 11.25
C LYS B 335 7.50 -22.53 12.42
N ASN B 336 7.22 -21.28 12.10
CA ASN B 336 6.98 -20.27 13.12
C ASN B 336 5.63 -19.61 13.00
N SER B 337 4.64 -20.35 12.51
CA SER B 337 3.28 -19.82 12.36
C SER B 337 2.90 -19.11 13.65
N SER B 338 3.39 -19.67 14.76
CA SER B 338 3.13 -19.13 16.08
C SER B 338 3.32 -17.62 16.03
N TYR B 339 4.55 -17.18 15.84
CA TYR B 339 4.81 -15.76 15.77
C TYR B 339 5.09 -15.28 14.36
N PHE B 340 4.05 -14.71 13.76
CA PHE B 340 4.11 -14.21 12.41
C PHE B 340 2.78 -13.61 12.04
N VAL B 341 1.90 -13.45 13.03
CA VAL B 341 0.55 -12.88 12.87
C VAL B 341 -0.19 -13.63 11.74
N GLU B 342 -1.50 -13.76 11.87
CA GLU B 342 -2.24 -14.51 10.86
C GLU B 342 -3.04 -13.74 9.84
N TRP B 343 -3.67 -12.64 10.25
CA TRP B 343 -4.48 -11.87 9.32
C TRP B 343 -3.75 -11.33 8.10
N ILE B 344 -2.56 -11.87 7.85
CA ILE B 344 -1.77 -11.52 6.67
C ILE B 344 -1.31 -12.87 6.17
N PRO B 345 -1.97 -13.38 5.14
CA PRO B 345 -1.59 -14.66 4.58
C PRO B 345 -0.09 -14.80 4.26
N ASN B 346 0.51 -13.74 3.70
CA ASN B 346 1.93 -13.78 3.37
C ASN B 346 2.66 -12.56 3.92
N ASN B 347 2.99 -12.62 5.20
CA ASN B 347 3.67 -11.52 5.87
C ASN B 347 4.91 -11.10 5.11
N VAL B 348 5.71 -12.10 4.78
CA VAL B 348 6.95 -11.87 4.09
C VAL B 348 6.86 -11.21 2.72
N LYS B 349 7.79 -10.29 2.48
CA LYS B 349 7.89 -9.56 1.23
C LYS B 349 9.26 -9.92 0.69
N THR B 350 9.31 -10.91 -0.18
CA THR B 350 10.56 -11.34 -0.77
C THR B 350 10.96 -10.31 -1.82
N ALA B 351 12.21 -9.90 -1.74
CA ALA B 351 12.75 -8.93 -2.66
C ALA B 351 14.03 -9.56 -3.16
N VAL B 352 14.40 -9.30 -4.41
CA VAL B 352 15.62 -9.91 -4.93
C VAL B 352 16.40 -9.10 -5.96
N CYS B 353 17.50 -8.53 -5.49
CA CYS B 353 18.40 -7.77 -6.34
C CYS B 353 19.22 -8.80 -7.10
N ASP B 354 20.29 -8.35 -7.74
CA ASP B 354 21.17 -9.24 -8.47
C ASP B 354 22.57 -9.08 -7.92
N ILE B 355 23.23 -7.98 -8.26
CA ILE B 355 24.58 -7.74 -7.77
C ILE B 355 24.57 -7.71 -6.25
N PRO B 356 25.52 -8.42 -5.63
CA PRO B 356 25.65 -8.49 -4.17
C PRO B 356 26.61 -7.47 -3.58
N PRO B 357 26.82 -7.51 -2.26
CA PRO B 357 27.75 -6.56 -1.63
C PRO B 357 29.13 -6.79 -2.21
N ARG B 358 29.60 -5.80 -2.95
CA ARG B 358 30.90 -5.83 -3.61
C ARG B 358 31.69 -7.12 -3.44
N GLY B 359 32.32 -7.31 -2.29
CA GLY B 359 33.14 -8.50 -2.09
C GLY B 359 32.50 -9.83 -1.71
N LEU B 360 31.19 -9.84 -1.54
CA LEU B 360 30.49 -11.05 -1.12
C LEU B 360 29.75 -11.75 -2.26
N LYS B 361 29.42 -13.02 -2.05
CA LYS B 361 28.70 -13.80 -3.05
C LYS B 361 27.18 -13.70 -2.92
N MET B 362 26.69 -13.66 -1.69
CA MET B 362 25.26 -13.59 -1.45
C MET B 362 24.92 -13.05 -0.07
N SER B 363 24.06 -12.03 -0.06
CA SER B 363 23.61 -11.38 1.17
C SER B 363 22.10 -11.14 1.08
N ALA B 364 21.52 -10.62 2.16
CA ALA B 364 20.08 -10.34 2.22
C ALA B 364 19.70 -9.51 3.45
N THR B 365 19.35 -8.27 3.19
CA THR B 365 18.95 -7.37 4.26
C THR B 365 17.57 -7.78 4.75
N PHE B 366 17.37 -7.67 6.05
CA PHE B 366 16.12 -8.02 6.68
C PHE B 366 15.52 -6.80 7.33
N ILE B 367 14.26 -6.53 7.03
CA ILE B 367 13.59 -5.38 7.58
C ILE B 367 12.33 -5.89 8.22
N GLY B 368 12.39 -6.16 9.52
CA GLY B 368 11.22 -6.70 10.19
C GLY B 368 10.33 -5.72 10.92
N ASN B 369 9.03 -5.88 10.73
CA ASN B 369 8.06 -5.02 11.40
C ASN B 369 7.38 -5.81 12.49
N SER B 370 8.14 -6.33 13.45
CA SER B 370 7.52 -7.12 14.49
C SER B 370 6.97 -6.33 15.65
N THR B 371 5.94 -6.93 16.24
CA THR B 371 5.21 -6.38 17.37
C THR B 371 6.08 -6.44 18.60
N ALA B 372 7.23 -7.07 18.44
CA ALA B 372 8.15 -7.20 19.55
C ALA B 372 8.70 -5.87 19.99
N ILE B 373 8.84 -4.94 19.06
CA ILE B 373 9.38 -3.65 19.39
C ILE B 373 8.50 -2.91 20.36
N GLN B 374 7.46 -3.58 20.82
CA GLN B 374 6.57 -3.01 21.80
C GLN B 374 7.44 -2.93 23.06
N GLU B 375 8.07 -4.04 23.38
CA GLU B 375 8.94 -4.15 24.53
C GLU B 375 10.19 -3.30 24.47
N LEU B 376 10.11 -2.13 23.87
CA LEU B 376 11.27 -1.25 23.84
C LEU B 376 10.79 0.14 24.13
N PHE B 377 9.69 0.50 23.50
CA PHE B 377 9.10 1.79 23.72
C PHE B 377 8.56 1.72 25.13
N LYS B 378 8.29 0.49 25.58
CA LYS B 378 7.83 0.27 26.94
C LYS B 378 8.98 0.76 27.79
N ARG B 379 10.12 0.10 27.60
CA ARG B 379 11.35 0.44 28.30
C ARG B 379 11.47 1.94 28.39
N ILE B 380 11.76 2.56 27.26
CA ILE B 380 11.89 4.00 27.18
C ILE B 380 10.83 4.67 28.01
N SER B 381 9.57 4.45 27.64
CA SER B 381 8.45 5.05 28.34
C SER B 381 8.54 4.87 29.84
N GLU B 382 9.00 3.71 30.29
CA GLU B 382 9.15 3.49 31.73
C GLU B 382 10.14 4.51 32.29
N GLN B 383 11.40 4.41 31.86
CA GLN B 383 12.46 5.30 32.29
C GLN B 383 11.98 6.74 32.45
N PHE B 384 11.13 7.17 31.52
CA PHE B 384 10.59 8.52 31.56
C PHE B 384 9.87 8.70 32.88
N THR B 385 8.66 8.15 32.95
CA THR B 385 7.85 8.23 34.15
C THR B 385 8.62 8.14 35.48
N ALA B 386 9.46 7.12 35.61
CA ALA B 386 10.24 6.92 36.84
C ALA B 386 11.02 8.17 37.20
N MET B 387 11.37 8.96 36.19
CA MET B 387 12.12 10.19 36.41
C MET B 387 11.31 11.43 36.18
N PHE B 388 10.30 11.30 35.33
CA PHE B 388 9.48 12.44 35.09
C PHE B 388 8.83 12.69 36.42
N ARG B 389 8.20 11.66 36.97
CA ARG B 389 7.52 11.79 38.24
C ARG B 389 8.22 12.80 39.16
N ARG B 390 9.55 12.79 39.19
CA ARG B 390 10.28 13.72 40.06
C ARG B 390 10.85 14.91 39.30
N LYS B 391 10.48 15.04 38.03
CA LYS B 391 10.92 16.15 37.17
C LYS B 391 12.43 16.28 37.12
N ALA B 392 13.10 15.15 37.38
CA ALA B 392 14.56 15.05 37.42
C ALA B 392 15.28 16.19 36.76
N PHE B 393 15.88 15.96 35.61
CA PHE B 393 16.61 17.07 34.97
C PHE B 393 15.66 17.81 34.04
N LEU B 394 14.54 18.24 34.59
CA LEU B 394 13.58 18.93 33.79
C LEU B 394 13.89 20.41 33.64
N HIS B 395 14.52 21.01 34.65
CA HIS B 395 14.82 22.43 34.55
C HIS B 395 15.67 22.81 33.34
N TRP B 396 16.42 21.84 32.82
CA TRP B 396 17.27 22.08 31.64
C TRP B 396 16.42 22.14 30.39
N TYR B 397 15.18 21.70 30.50
CA TYR B 397 14.29 21.72 29.36
C TYR B 397 13.45 22.98 29.47
N THR B 398 12.62 23.04 30.50
CA THR B 398 11.77 24.20 30.72
C THR B 398 12.58 25.49 30.64
N GLY B 399 13.68 25.55 31.40
CA GLY B 399 14.53 26.73 31.41
C GLY B 399 14.98 27.11 30.00
N GLU B 400 14.67 26.24 29.04
CA GLU B 400 15.02 26.47 27.66
C GLU B 400 13.76 26.78 26.89
N GLY B 401 12.71 27.15 27.59
CA GLY B 401 11.46 27.44 26.91
C GLY B 401 10.86 26.14 26.43
N MET B 402 10.26 25.43 27.37
CA MET B 402 9.60 24.15 27.08
C MET B 402 8.27 24.21 27.80
N ASP B 403 7.61 23.07 27.91
CA ASP B 403 6.31 23.02 28.57
C ASP B 403 6.19 21.75 29.41
N GLU B 404 5.47 21.84 30.53
CA GLU B 404 5.27 20.69 31.41
C GLU B 404 4.25 19.78 30.78
N MET B 405 3.56 20.30 29.77
CA MET B 405 2.54 19.56 29.04
C MET B 405 3.16 18.93 27.78
N GLU B 406 4.35 19.41 27.40
CA GLU B 406 5.06 18.88 26.24
C GLU B 406 5.53 17.45 26.52
N PHE B 407 6.17 17.28 27.67
CA PHE B 407 6.66 15.98 28.08
C PHE B 407 5.49 15.06 28.25
N THR B 408 4.41 15.56 28.84
CA THR B 408 3.22 14.76 29.05
C THR B 408 2.80 14.20 27.71
N GLU B 409 2.62 15.11 26.78
CA GLU B 409 2.24 14.80 25.42
C GLU B 409 2.99 13.62 24.84
N ALA B 410 4.28 13.82 24.60
CA ALA B 410 5.13 12.79 24.05
C ALA B 410 4.96 11.42 24.71
N GLU B 411 5.26 11.36 26.00
CA GLU B 411 5.13 10.08 26.68
C GLU B 411 3.84 9.41 26.30
N SER B 412 2.72 10.06 26.59
CA SER B 412 1.42 9.52 26.27
C SER B 412 1.45 9.00 24.86
N ASN B 413 1.55 9.91 23.89
CA ASN B 413 1.62 9.56 22.48
C ASN B 413 2.44 8.29 22.30
N MET B 414 3.74 8.41 22.46
CA MET B 414 4.62 7.26 22.30
C MET B 414 4.19 6.10 23.20
N ASN B 415 3.57 6.42 24.33
CA ASN B 415 3.10 5.40 25.27
C ASN B 415 1.90 4.65 24.68
N ASP B 416 1.02 5.39 24.02
CA ASP B 416 -0.14 4.81 23.36
C ASP B 416 0.38 3.92 22.24
N LEU B 417 1.41 4.44 21.56
CA LEU B 417 2.04 3.75 20.46
C LEU B 417 2.40 2.30 20.84
N VAL B 418 2.69 2.09 22.12
CA VAL B 418 3.01 0.77 22.65
C VAL B 418 1.73 -0.03 22.64
N SER B 419 0.70 0.59 23.19
CA SER B 419 -0.61 0.00 23.26
C SER B 419 -0.99 -0.66 21.92
N GLU B 420 -1.23 0.21 20.96
CA GLU B 420 -1.65 -0.17 19.60
C GLU B 420 -0.92 -1.43 19.11
N TYR B 421 0.40 -1.32 19.09
CA TYR B 421 1.28 -2.40 18.59
C TYR B 421 0.91 -3.77 19.17
N GLN B 422 0.28 -3.75 20.33
CA GLN B 422 -0.14 -5.00 21.01
C GLN B 422 -1.45 -5.51 20.40
N GLN B 423 -2.19 -4.57 19.84
CA GLN B 423 -3.50 -4.82 19.22
C GLN B 423 -3.39 -5.86 18.10
N TYR B 424 -2.16 -6.18 17.74
CA TYR B 424 -1.91 -7.12 16.64
C TYR B 424 -1.19 -8.37 17.15
N GLN B 425 -0.40 -8.18 18.19
CA GLN B 425 0.27 -9.31 18.85
C GLN B 425 -0.83 -10.25 19.34
N ASP B 426 -2.06 -9.73 19.34
CA ASP B 426 -3.25 -10.46 19.77
C ASP B 426 -4.33 -10.46 18.67
N LEU C 14 -36.89 -13.14 16.45
CA LEU C 14 -35.46 -13.22 16.15
C LEU C 14 -34.95 -11.91 15.55
N HIS C 15 -33.71 -11.92 15.07
CA HIS C 15 -33.10 -10.73 14.48
C HIS C 15 -32.79 -9.69 15.54
N ASN C 16 -33.49 -9.77 16.66
CA ASN C 16 -33.29 -8.82 17.76
C ASN C 16 -31.99 -9.09 18.51
N THR C 17 -31.66 -10.36 18.68
CA THR C 17 -30.44 -10.74 19.38
C THR C 17 -29.20 -10.29 18.61
N VAL C 18 -29.34 -10.15 17.30
CA VAL C 18 -28.24 -9.72 16.46
C VAL C 18 -28.02 -8.22 16.62
N MET C 19 -29.01 -7.56 17.25
CA MET C 19 -28.92 -6.13 17.49
C MET C 19 -27.79 -5.81 18.45
N ASP C 20 -26.90 -6.77 18.65
CA ASP C 20 -25.76 -6.60 19.54
C ASP C 20 -25.09 -5.26 19.28
N LEU C 21 -25.31 -4.72 18.08
CA LEU C 21 -24.75 -3.44 17.70
C LEU C 21 -25.46 -2.31 18.43
N ARG C 22 -26.69 -2.60 18.89
CA ARG C 22 -27.47 -1.61 19.62
C ARG C 22 -26.62 -0.39 19.98
N GLY C 23 -25.32 -0.49 19.75
CA GLY C 23 -24.41 0.59 20.07
C GLY C 23 -24.94 1.94 19.63
N ASN C 24 -26.19 1.96 19.18
CA ASN C 24 -26.83 3.20 18.74
C ASN C 24 -25.91 4.03 17.84
N ILE C 25 -24.61 3.90 18.07
CA ILE C 25 -23.62 4.64 17.29
C ILE C 25 -23.74 4.31 15.80
N LYS C 26 -24.91 3.82 15.40
CA LYS C 26 -25.15 3.46 14.01
C LYS C 26 -25.16 4.70 13.12
N VAL C 27 -25.91 4.62 12.01
CA VAL C 27 -26.00 5.73 11.08
C VAL C 27 -27.35 5.75 10.37
N MET C 28 -28.28 6.54 10.87
CA MET C 28 -29.62 6.64 10.29
C MET C 28 -29.54 7.16 8.86
N CYS C 29 -30.28 6.51 7.96
CA CYS C 29 -30.30 6.90 6.59
C CYS C 29 -31.34 7.93 6.32
N ARG C 30 -30.99 8.99 5.57
CA ARG C 30 -31.93 10.00 5.16
C ARG C 30 -31.91 10.14 3.66
N PHE C 31 -33.01 9.80 2.98
CA PHE C 31 -33.09 10.10 1.55
C PHE C 31 -33.69 11.49 1.36
N ARG C 32 -33.05 12.31 0.51
CA ARG C 32 -33.63 13.57 0.06
C ARG C 32 -34.58 13.34 -1.09
N PRO C 33 -35.66 14.12 -1.28
CA PRO C 33 -36.51 13.93 -2.44
C PRO C 33 -35.97 14.64 -3.67
N LEU C 34 -36.40 14.17 -4.85
CA LEU C 34 -36.15 14.79 -6.13
C LEU C 34 -37.12 15.94 -6.34
N ASN C 35 -36.70 16.98 -7.08
CA ASN C 35 -37.57 18.08 -7.45
C ASN C 35 -38.10 17.85 -8.87
N GLU C 36 -39.25 18.45 -9.24
CA GLU C 36 -39.95 18.17 -10.50
C GLU C 36 -39.08 18.33 -11.75
N ALA C 37 -38.22 19.35 -11.71
CA ALA C 37 -37.22 19.64 -12.75
C ALA C 37 -36.28 18.46 -13.03
N GLU C 38 -36.04 17.55 -12.05
CA GLU C 38 -35.19 16.39 -12.27
C GLU C 38 -35.87 15.02 -12.29
N ILE C 39 -37.21 14.89 -12.05
CA ILE C 39 -37.89 13.58 -12.08
C ILE C 39 -37.86 12.96 -13.48
N LEU C 40 -37.92 13.85 -14.48
CA LEU C 40 -37.88 13.51 -15.87
C LEU C 40 -36.66 14.08 -16.60
N ARG C 41 -35.64 14.59 -15.86
CA ARG C 41 -34.38 14.98 -16.52
C ARG C 41 -33.51 13.78 -16.77
N GLY C 42 -33.25 12.99 -15.72
CA GLY C 42 -32.38 11.82 -15.82
C GLY C 42 -32.34 11.08 -14.53
N ASP C 43 -32.69 11.75 -13.43
CA ASP C 43 -32.59 11.22 -12.08
C ASP C 43 -33.92 10.56 -11.75
N LYS C 44 -33.90 9.27 -11.39
CA LYS C 44 -35.11 8.56 -11.08
C LYS C 44 -34.87 7.73 -9.84
N PHE C 45 -35.96 7.26 -9.21
CA PHE C 45 -35.86 6.42 -8.04
C PHE C 45 -35.08 5.11 -8.24
N ILE C 46 -34.26 4.80 -7.23
CA ILE C 46 -33.50 3.57 -7.14
C ILE C 46 -33.71 2.99 -5.76
N PRO C 47 -34.19 3.82 -4.82
CA PRO C 47 -34.46 3.48 -3.46
C PRO C 47 -35.89 3.01 -3.38
N LYS C 48 -36.03 1.73 -3.03
CA LYS C 48 -37.26 1.09 -2.72
C LYS C 48 -37.29 1.05 -1.21
N PHE C 49 -38.36 1.51 -0.58
CA PHE C 49 -38.43 1.52 0.87
C PHE C 49 -39.31 0.36 1.27
N LYS C 50 -38.97 -0.35 2.36
CA LYS C 50 -39.87 -1.33 2.93
C LYS C 50 -40.03 -1.03 4.39
N GLY C 51 -41.29 -0.93 4.85
CA GLY C 51 -41.59 -0.51 6.22
C GLY C 51 -41.06 0.88 6.49
N GLU C 52 -40.29 1.02 7.58
CA GLU C 52 -39.66 2.28 7.95
C GLU C 52 -38.21 2.06 8.39
N GLU C 53 -37.61 0.90 7.98
CA GLU C 53 -36.26 0.57 8.40
C GLU C 53 -35.46 -0.27 7.40
N THR C 54 -36.05 -0.70 6.26
CA THR C 54 -35.29 -1.38 5.23
C THR C 54 -35.28 -0.54 3.96
N VAL C 55 -34.13 -0.49 3.26
CA VAL C 55 -34.04 0.13 1.96
C VAL C 55 -33.41 -0.84 0.99
N VAL C 56 -34.13 -1.16 -0.09
CA VAL C 56 -33.65 -2.10 -1.08
C VAL C 56 -33.07 -1.35 -2.24
N ILE C 57 -31.75 -1.52 -2.36
CA ILE C 57 -30.96 -1.02 -3.46
C ILE C 57 -30.26 -2.25 -3.98
N GLN C 58 -30.53 -2.67 -5.23
CA GLN C 58 -30.09 -3.93 -5.78
C GLN C 58 -30.46 -5.15 -4.92
N GLY C 59 -29.42 -5.92 -4.56
CA GLY C 59 -29.46 -7.06 -3.66
C GLY C 59 -29.20 -6.58 -2.25
N LYS C 60 -30.15 -6.80 -1.31
CA LYS C 60 -30.08 -6.26 0.03
C LYS C 60 -31.31 -6.68 0.86
N PRO C 61 -31.27 -7.67 1.75
CA PRO C 61 -32.50 -8.20 2.35
C PRO C 61 -32.83 -7.53 3.66
N TYR C 62 -31.83 -6.97 4.36
CA TYR C 62 -32.12 -6.12 5.49
C TYR C 62 -31.13 -4.97 5.40
N VAL C 63 -31.51 -3.82 5.99
CA VAL C 63 -30.66 -2.66 6.06
C VAL C 63 -30.11 -2.62 7.47
N PHE C 64 -30.62 -1.76 8.34
CA PHE C 64 -30.16 -1.56 9.71
C PHE C 64 -31.28 -0.82 10.39
N ASP C 65 -31.05 -0.44 11.65
CA ASP C 65 -31.91 0.29 12.55
C ASP C 65 -33.01 1.20 12.01
N ARG C 66 -32.69 2.26 11.22
CA ARG C 66 -33.76 3.06 10.64
C ARG C 66 -33.39 3.73 9.32
N VAL C 67 -34.32 3.72 8.35
CA VAL C 67 -34.22 4.41 7.08
C VAL C 67 -35.30 5.49 7.06
N LEU C 68 -34.92 6.77 6.99
CA LEU C 68 -35.86 7.84 6.80
C LEU C 68 -36.16 8.00 5.31
N PRO C 69 -37.43 7.84 4.92
CA PRO C 69 -37.85 7.99 3.54
C PRO C 69 -37.74 9.40 2.96
N PRO C 70 -37.99 9.52 1.64
CA PRO C 70 -38.09 10.77 0.89
C PRO C 70 -39.41 11.47 1.14
N ASN C 71 -39.91 11.40 2.37
CA ASN C 71 -41.18 11.92 2.85
C ASN C 71 -41.02 12.30 4.32
N THR C 72 -39.79 12.17 4.86
CA THR C 72 -39.50 12.49 6.24
C THR C 72 -39.07 13.94 6.36
N THR C 73 -39.75 14.70 7.23
CA THR C 73 -39.48 16.11 7.53
C THR C 73 -38.10 16.39 8.14
N GLN C 74 -37.59 17.63 8.06
CA GLN C 74 -36.40 18.09 8.78
C GLN C 74 -36.56 17.96 10.28
N GLU C 75 -37.77 18.32 10.77
CA GLU C 75 -38.18 18.21 12.14
C GLU C 75 -38.14 16.77 12.66
N GLN C 76 -38.65 15.84 11.84
CA GLN C 76 -38.66 14.42 12.10
C GLN C 76 -37.27 13.82 12.22
N VAL C 77 -36.35 14.17 11.29
CA VAL C 77 -34.95 13.78 11.36
C VAL C 77 -34.29 14.29 12.64
N TYR C 78 -34.54 15.56 13.00
CA TYR C 78 -34.05 16.20 14.20
C TYR C 78 -34.53 15.54 15.51
N ASN C 79 -35.82 15.14 15.61
CA ASN C 79 -36.32 14.45 16.79
C ASN C 79 -35.62 13.14 17.12
N ALA C 80 -35.52 12.24 16.13
CA ALA C 80 -34.93 10.93 16.27
C ALA C 80 -33.42 10.99 16.52
N CYS C 81 -32.72 11.89 15.79
CA CYS C 81 -31.29 11.99 15.75
C CYS C 81 -30.62 12.91 16.76
N ALA C 82 -31.18 14.11 17.05
CA ALA C 82 -30.46 15.10 17.84
C ALA C 82 -31.12 15.46 19.15
N LYS C 83 -32.46 15.33 19.27
CA LYS C 83 -33.18 15.84 20.43
C LYS C 83 -32.73 15.27 21.77
N GLN C 84 -32.47 13.96 21.79
CA GLN C 84 -31.93 13.29 22.96
C GLN C 84 -30.52 13.73 23.28
N ILE C 85 -29.68 13.85 22.24
CA ILE C 85 -28.28 14.21 22.37
C ILE C 85 -28.13 15.60 22.95
N VAL C 86 -28.97 16.56 22.53
CA VAL C 86 -29.07 17.88 23.14
C VAL C 86 -29.51 17.83 24.59
N LYS C 87 -30.52 17.00 24.92
CA LYS C 87 -30.97 16.85 26.29
C LYS C 87 -29.86 16.37 27.24
N ASP C 88 -29.12 15.31 26.85
CA ASP C 88 -27.99 14.76 27.58
C ASP C 88 -26.83 15.76 27.72
N VAL C 89 -26.53 16.56 26.67
CA VAL C 89 -25.50 17.60 26.68
C VAL C 89 -25.77 18.67 27.74
N LEU C 90 -27.05 19.03 27.94
CA LEU C 90 -27.46 20.00 28.95
C LEU C 90 -27.29 19.50 30.38
N GLU C 91 -27.17 18.17 30.59
CA GLU C 91 -26.88 17.58 31.89
C GLU C 91 -25.37 17.37 32.07
N GLY C 92 -24.53 17.81 31.10
CA GLY C 92 -23.09 17.68 31.20
C GLY C 92 -22.52 16.39 30.65
N TYR C 93 -23.01 15.94 29.50
CA TYR C 93 -22.48 14.79 28.79
C TYR C 93 -22.00 15.18 27.40
N ASN C 94 -21.28 14.27 26.73
CA ASN C 94 -20.89 14.49 25.36
C ASN C 94 -21.90 13.87 24.41
N GLY C 95 -21.89 14.37 23.18
CA GLY C 95 -22.70 13.85 22.10
C GLY C 95 -22.04 14.23 20.82
N THR C 96 -22.18 13.39 19.79
CA THR C 96 -21.64 13.67 18.48
C THR C 96 -22.76 13.48 17.49
N ILE C 97 -22.88 14.34 16.49
CA ILE C 97 -23.74 14.08 15.35
C ILE C 97 -22.81 14.18 14.16
N PHE C 98 -22.67 13.10 13.39
CA PHE C 98 -21.86 13.07 12.20
C PHE C 98 -22.80 13.22 11.02
N ALA C 99 -22.34 13.86 9.95
CA ALA C 99 -23.08 14.03 8.74
C ALA C 99 -22.27 13.60 7.56
N TYR C 100 -22.92 12.96 6.59
CA TYR C 100 -22.23 12.47 5.44
C TYR C 100 -23.18 12.42 4.25
N GLY C 101 -22.61 12.50 3.05
CA GLY C 101 -23.39 12.42 1.85
C GLY C 101 -22.70 13.27 0.87
N GLN C 102 -22.68 12.87 -0.36
CA GLN C 102 -21.92 13.52 -1.38
C GLN C 102 -22.61 14.76 -1.94
N THR C 103 -22.18 15.17 -3.14
CA THR C 103 -22.78 16.28 -3.83
C THR C 103 -24.22 16.06 -4.28
N SER C 104 -25.09 17.00 -3.88
CA SER C 104 -26.53 16.97 -4.18
C SER C 104 -27.29 15.90 -3.41
N SER C 105 -26.74 15.40 -2.29
CA SER C 105 -27.41 14.40 -1.46
C SER C 105 -28.36 14.95 -0.42
N GLY C 106 -28.21 16.23 -0.08
CA GLY C 106 -29.07 16.90 0.89
C GLY C 106 -28.43 17.27 2.19
N LYS C 107 -27.08 17.25 2.31
CA LYS C 107 -26.37 17.64 3.54
C LYS C 107 -26.67 19.07 4.02
N THR C 108 -26.56 20.06 3.12
CA THR C 108 -26.79 21.48 3.39
C THR C 108 -28.19 21.73 3.88
N HIS C 109 -29.17 21.09 3.21
CA HIS C 109 -30.54 21.10 3.65
C HIS C 109 -30.78 20.49 5.05
N THR C 110 -30.17 19.37 5.46
CA THR C 110 -30.40 18.83 6.82
C THR C 110 -29.71 19.57 7.97
N MET C 111 -28.40 19.88 7.86
CA MET C 111 -27.66 20.46 8.98
C MET C 111 -28.02 21.88 9.37
N GLU C 112 -28.25 22.77 8.39
CA GLU C 112 -28.62 24.16 8.64
C GLU C 112 -29.91 24.50 7.92
N GLY C 113 -30.16 23.93 6.73
CA GLY C 113 -31.26 24.30 5.86
C GLY C 113 -31.19 25.72 5.36
N LYS C 114 -32.28 26.46 5.50
CA LYS C 114 -32.22 27.92 5.46
C LYS C 114 -32.13 28.42 6.90
N LEU C 115 -31.32 29.47 7.15
CA LEU C 115 -30.98 29.94 8.50
C LEU C 115 -32.18 30.37 9.34
N HIS C 116 -33.18 31.03 8.71
CA HIS C 116 -34.45 31.33 9.35
C HIS C 116 -35.57 30.86 8.46
N ASP C 117 -36.12 29.67 8.76
CA ASP C 117 -37.21 29.09 8.04
C ASP C 117 -38.01 28.38 9.13
N PRO C 118 -39.32 28.48 9.27
CA PRO C 118 -40.04 28.00 10.45
C PRO C 118 -40.09 26.48 10.53
N GLN C 119 -39.85 25.76 9.44
CA GLN C 119 -39.81 24.31 9.51
C GLN C 119 -38.82 23.72 8.51
N LEU C 120 -38.19 24.58 7.69
CA LEU C 120 -37.18 24.17 6.70
C LEU C 120 -35.78 24.27 7.22
N MET C 121 -35.63 24.87 8.41
CA MET C 121 -34.41 24.90 9.18
C MET C 121 -33.93 23.55 9.68
N GLY C 122 -32.60 23.45 9.77
CA GLY C 122 -31.90 22.19 9.96
C GLY C 122 -31.80 21.67 11.37
N ILE C 123 -30.59 21.22 11.71
CA ILE C 123 -30.22 20.71 13.01
C ILE C 123 -29.63 21.82 13.85
N ILE C 124 -28.58 22.53 13.36
CA ILE C 124 -27.92 23.57 14.14
C ILE C 124 -28.84 24.73 14.53
N PRO C 125 -29.69 25.33 13.69
CA PRO C 125 -30.65 26.34 14.14
C PRO C 125 -31.69 25.85 15.13
N ARG C 126 -32.12 24.57 15.08
CA ARG C 126 -33.05 24.03 16.06
C ARG C 126 -32.43 23.86 17.43
N ILE C 127 -31.19 23.32 17.51
CA ILE C 127 -30.46 23.18 18.77
C ILE C 127 -30.28 24.53 19.46
N ALA C 128 -29.95 25.54 18.65
CA ALA C 128 -29.81 26.91 19.07
C ALA C 128 -31.10 27.49 19.63
N HIS C 129 -32.26 27.19 19.02
CA HIS C 129 -33.57 27.59 19.52
C HIS C 129 -33.96 26.93 20.83
N ASP C 130 -33.84 25.58 20.95
CA ASP C 130 -34.07 24.83 22.16
C ASP C 130 -33.14 25.26 23.33
N ILE C 131 -31.85 25.54 23.06
CA ILE C 131 -30.90 26.05 24.08
C ILE C 131 -31.37 27.36 24.69
N PHE C 132 -31.80 28.34 23.87
CA PHE C 132 -32.23 29.62 24.38
C PHE C 132 -33.68 29.63 24.84
N ASP C 133 -34.45 28.54 24.66
CA ASP C 133 -35.77 28.43 25.27
C ASP C 133 -35.71 27.94 26.72
N HIS C 134 -34.65 27.19 27.11
CA HIS C 134 -34.42 26.82 28.51
C HIS C 134 -33.75 27.94 29.30
N ILE C 135 -32.72 28.57 28.71
CA ILE C 135 -32.08 29.77 29.22
C ILE C 135 -33.10 30.90 29.34
N TYR C 136 -33.03 31.68 30.44
CA TYR C 136 -34.02 32.66 30.87
C TYR C 136 -35.38 32.13 31.31
N SER C 137 -35.58 30.80 31.29
CA SER C 137 -36.77 30.15 31.84
C SER C 137 -36.43 29.20 32.96
N MET C 138 -35.12 28.94 33.17
CA MET C 138 -34.60 27.94 34.09
C MET C 138 -33.25 28.39 34.64
N ASP C 139 -32.92 29.68 34.45
CA ASP C 139 -31.72 30.24 35.03
C ASP C 139 -32.10 31.04 36.25
N GLU C 140 -31.77 30.48 37.43
CA GLU C 140 -31.90 31.20 38.68
C GLU C 140 -30.85 30.73 39.67
N ASN C 141 -30.00 29.80 39.22
CA ASN C 141 -28.84 29.28 39.91
C ASN C 141 -27.82 28.81 38.90
N LEU C 142 -28.22 28.72 37.62
CA LEU C 142 -27.37 28.34 36.53
C LEU C 142 -27.05 29.61 35.79
N GLU C 143 -25.77 29.78 35.51
CA GLU C 143 -25.26 30.85 34.71
C GLU C 143 -24.69 30.18 33.49
N PHE C 144 -25.36 30.39 32.34
CA PHE C 144 -24.98 29.75 31.11
C PHE C 144 -24.00 30.56 30.33
N ALA C 145 -23.06 29.86 29.69
CA ALA C 145 -22.27 30.47 28.67
C ALA C 145 -22.23 29.50 27.51
N ILE C 146 -22.81 29.88 26.37
CA ILE C 146 -22.82 29.02 25.21
C ILE C 146 -21.65 29.50 24.38
N LYS C 147 -20.63 28.65 24.20
CA LYS C 147 -19.45 29.00 23.44
C LYS C 147 -19.49 28.17 22.18
N VAL C 148 -19.33 28.83 21.02
CA VAL C 148 -19.28 28.13 19.75
C VAL C 148 -17.90 28.29 19.16
N SER C 149 -17.43 27.21 18.52
CA SER C 149 -16.16 27.18 17.86
C SER C 149 -16.37 26.47 16.55
N TYR C 150 -15.71 26.91 15.48
CA TYR C 150 -15.96 26.38 14.16
C TYR C 150 -14.61 26.21 13.48
N PHE C 151 -14.22 24.97 13.16
CA PHE C 151 -12.95 24.76 12.48
C PHE C 151 -13.09 23.69 11.42
N GLU C 152 -12.21 23.72 10.40
CA GLU C 152 -12.17 22.72 9.37
C GLU C 152 -10.87 21.96 9.42
N ILE C 153 -10.90 20.72 8.92
CA ILE C 153 -9.73 19.90 8.71
C ILE C 153 -9.54 19.84 7.21
N TYR C 154 -8.48 20.51 6.71
CA TYR C 154 -8.16 20.65 5.30
C TYR C 154 -6.67 20.36 5.14
N LEU C 155 -6.35 19.34 4.31
CA LEU C 155 -5.01 18.78 4.15
C LEU C 155 -4.43 18.23 5.47
N ASP C 156 -5.34 17.70 6.33
CA ASP C 156 -5.16 17.19 7.69
C ASP C 156 -4.55 18.22 8.66
N LYS C 157 -4.79 19.51 8.36
CA LYS C 157 -4.41 20.60 9.21
C LYS C 157 -5.68 21.27 9.67
N ILE C 158 -5.69 21.70 10.95
CA ILE C 158 -6.87 22.30 11.56
C ILE C 158 -6.84 23.78 11.24
N ARG C 159 -7.77 24.26 10.40
CA ARG C 159 -7.85 25.64 10.03
C ARG C 159 -9.02 26.22 10.80
N ASP C 160 -8.72 27.17 11.71
CA ASP C 160 -9.74 27.92 12.42
C ASP C 160 -10.52 28.77 11.41
N LEU C 161 -11.85 28.88 11.53
CA LEU C 161 -12.66 29.59 10.55
C LEU C 161 -13.17 30.89 11.12
N LEU C 162 -12.67 31.35 12.27
CA LEU C 162 -13.12 32.62 12.77
C LEU C 162 -11.87 33.45 12.85
N ASP C 163 -12.00 34.75 13.17
CA ASP C 163 -10.88 35.64 13.40
C ASP C 163 -9.94 35.68 12.23
N VAL C 164 -8.69 35.26 12.52
CA VAL C 164 -7.63 35.20 11.55
C VAL C 164 -7.41 33.75 11.24
N SER C 165 -7.47 33.39 9.94
CA SER C 165 -7.32 32.01 9.59
C SER C 165 -5.90 31.59 9.82
N LYS C 166 -5.76 30.52 10.62
CA LYS C 166 -4.54 29.86 10.97
C LYS C 166 -4.62 28.65 10.08
N THR C 167 -3.51 28.35 9.33
CA THR C 167 -3.44 27.28 8.33
C THR C 167 -3.17 25.96 9.00
N ASN C 168 -2.79 25.98 10.31
CA ASN C 168 -2.67 24.84 11.17
C ASN C 168 -2.99 25.37 12.56
N LEU C 169 -3.47 24.48 13.45
CA LEU C 169 -3.78 24.78 14.82
C LEU C 169 -3.57 23.46 15.53
N ALA C 170 -3.22 23.47 16.83
CA ALA C 170 -2.75 22.26 17.50
C ALA C 170 -3.72 21.77 18.55
N VAL C 171 -3.58 20.49 18.93
CA VAL C 171 -4.24 19.97 20.12
C VAL C 171 -3.30 20.07 21.32
N HIS C 172 -3.86 20.12 22.53
CA HIS C 172 -3.15 19.89 23.78
C HIS C 172 -4.04 18.97 24.58
N GLU C 173 -3.58 18.50 25.74
CA GLU C 173 -4.27 17.53 26.56
C GLU C 173 -4.90 18.16 27.78
N ASP C 174 -6.07 17.66 28.22
CA ASP C 174 -6.73 18.10 29.42
C ASP C 174 -6.21 17.40 30.67
N LYS C 175 -6.84 17.71 31.82
CA LYS C 175 -6.59 17.12 33.12
C LYS C 175 -6.52 15.59 33.13
N ASN C 176 -7.23 14.88 32.24
CA ASN C 176 -7.25 13.43 32.24
C ASN C 176 -6.28 12.82 31.24
N ARG C 177 -5.61 13.65 30.42
CA ARG C 177 -4.68 13.28 29.34
C ARG C 177 -5.41 13.01 28.03
N VAL C 178 -6.63 13.54 27.92
CA VAL C 178 -7.49 13.46 26.77
C VAL C 178 -7.26 14.75 25.95
N PRO C 179 -6.96 14.69 24.65
CA PRO C 179 -6.71 15.91 23.87
C PRO C 179 -7.94 16.74 23.55
N TYR C 180 -7.70 18.05 23.35
CA TYR C 180 -8.70 19.03 23.04
C TYR C 180 -8.03 20.11 22.19
N VAL C 181 -8.78 20.88 21.38
CA VAL C 181 -8.16 21.84 20.46
C VAL C 181 -7.91 23.18 21.14
N LYS C 182 -6.65 23.37 21.58
CA LYS C 182 -6.36 24.58 22.29
C LYS C 182 -6.09 25.68 21.30
N GLY C 183 -6.61 26.90 21.60
CA GLY C 183 -6.38 28.02 20.76
C GLY C 183 -7.51 28.15 19.77
N CYS C 184 -8.46 27.20 19.78
CA CYS C 184 -9.55 27.33 18.85
C CYS C 184 -10.34 28.52 19.27
N THR C 185 -10.58 29.44 18.32
CA THR C 185 -11.24 30.66 18.65
C THR C 185 -12.68 30.36 19.00
N GLU C 186 -13.07 30.68 20.24
CA GLU C 186 -14.40 30.44 20.74
C GLU C 186 -15.03 31.79 20.81
N ARG C 187 -16.38 31.84 20.75
CA ARG C 187 -17.06 33.10 20.96
C ARG C 187 -18.35 32.87 21.71
N PHE C 188 -18.78 33.88 22.53
CA PHE C 188 -20.05 33.76 23.22
C PHE C 188 -21.19 33.95 22.26
N VAL C 189 -22.27 33.19 22.45
CA VAL C 189 -23.48 33.40 21.72
C VAL C 189 -24.59 33.32 22.74
N SER C 190 -25.50 34.30 22.76
CA SER C 190 -26.51 34.37 23.82
C SER C 190 -27.89 34.57 23.27
N SER C 191 -27.99 34.53 21.94
CA SER C 191 -29.22 34.56 21.21
C SER C 191 -28.95 33.82 19.91
N PRO C 192 -29.94 33.40 19.13
CA PRO C 192 -29.68 32.64 17.92
C PRO C 192 -28.91 33.36 16.83
N GLU C 193 -29.01 34.71 16.70
CA GLU C 193 -28.47 35.47 15.59
C GLU C 193 -26.94 35.30 15.49
N GLU C 194 -26.23 35.44 16.63
CA GLU C 194 -24.78 35.34 16.70
C GLU C 194 -24.23 33.98 16.26
N VAL C 195 -25.01 32.91 16.48
CA VAL C 195 -24.71 31.58 15.94
C VAL C 195 -24.73 31.55 14.42
N MET C 196 -25.75 32.16 13.78
CA MET C 196 -25.86 32.28 12.33
C MET C 196 -24.68 33.05 11.77
N ASP C 197 -24.32 34.19 12.40
CA ASP C 197 -23.18 35.00 11.99
C ASP C 197 -21.84 34.25 11.98
N VAL C 198 -21.63 33.31 12.94
CA VAL C 198 -20.49 32.39 12.95
C VAL C 198 -20.49 31.41 11.79
N ILE C 199 -21.67 30.88 11.42
CA ILE C 199 -21.86 30.00 10.27
C ILE C 199 -21.58 30.69 8.94
N ASP C 200 -22.10 31.91 8.73
CA ASP C 200 -21.87 32.73 7.55
C ASP C 200 -20.38 33.04 7.35
N GLU C 201 -19.70 33.42 8.44
CA GLU C 201 -18.27 33.63 8.49
C GLU C 201 -17.44 32.40 8.14
N GLY C 202 -17.82 31.21 8.66
CA GLY C 202 -17.06 30.01 8.38
C GLY C 202 -17.27 29.44 7.01
N LYS C 203 -18.50 29.44 6.51
CA LYS C 203 -18.83 29.01 5.15
C LYS C 203 -18.20 29.85 4.05
N SER C 204 -18.03 31.17 4.27
CA SER C 204 -17.42 32.07 3.31
C SER C 204 -15.94 31.81 3.05
N ASN C 205 -15.26 31.05 3.95
CA ASN C 205 -13.90 30.60 3.73
C ASN C 205 -13.77 29.09 3.65
N ARG C 206 -14.88 28.33 3.62
CA ARG C 206 -14.83 26.88 3.40
C ARG C 206 -14.35 26.53 2.00
N HIS C 207 -13.49 25.51 1.86
CA HIS C 207 -13.01 25.14 0.54
C HIS C 207 -14.06 24.39 -0.28
N VAL C 208 -14.64 25.09 -1.27
CA VAL C 208 -15.70 24.62 -2.12
C VAL C 208 -15.24 24.67 -3.56
N ALA C 209 -15.43 23.54 -4.28
CA ALA C 209 -14.92 23.49 -5.63
C ALA C 209 -15.78 24.28 -6.58
N VAL C 210 -15.14 25.04 -7.49
CA VAL C 210 -15.96 25.85 -8.36
C VAL C 210 -16.53 24.96 -9.42
N THR C 211 -17.82 24.63 -9.22
CA THR C 211 -18.62 23.85 -10.12
C THR C 211 -19.59 24.83 -10.70
N ASN C 212 -20.82 24.34 -10.97
CA ASN C 212 -21.94 25.16 -11.35
C ASN C 212 -22.50 25.61 -10.04
N MET C 213 -23.29 26.70 -10.02
CA MET C 213 -23.79 27.33 -8.82
C MET C 213 -24.60 26.40 -7.97
N ASN C 214 -25.35 25.46 -8.57
CA ASN C 214 -26.14 24.53 -7.81
C ASN C 214 -25.28 23.61 -6.97
N GLU C 215 -24.22 23.00 -7.53
CA GLU C 215 -23.41 22.09 -6.77
C GLU C 215 -22.46 22.80 -5.82
N HIS C 216 -22.31 22.18 -4.62
CA HIS C 216 -21.53 22.53 -3.46
C HIS C 216 -20.60 21.39 -3.08
N SER C 217 -19.41 21.35 -3.69
CA SER C 217 -18.50 20.23 -3.53
C SER C 217 -17.52 20.47 -2.40
N SER C 218 -17.89 20.04 -1.18
CA SER C 218 -17.09 20.15 0.03
C SER C 218 -15.77 19.38 0.00
N ARG C 219 -14.63 20.09 0.12
CA ARG C 219 -13.31 19.45 0.04
C ARG C 219 -12.60 19.50 1.39
N SER C 220 -13.30 20.02 2.40
CA SER C 220 -12.78 20.27 3.72
C SER C 220 -13.86 19.84 4.70
N HIS C 221 -13.49 18.96 5.65
CA HIS C 221 -14.40 18.49 6.68
C HIS C 221 -14.58 19.55 7.75
N SER C 222 -15.80 19.71 8.25
CA SER C 222 -16.14 20.81 9.14
C SER C 222 -16.49 20.26 10.49
N ILE C 223 -16.01 20.86 11.57
CA ILE C 223 -16.40 20.50 12.91
C ILE C 223 -16.99 21.75 13.55
N PHE C 224 -18.30 21.73 13.85
CA PHE C 224 -18.94 22.81 14.58
C PHE C 224 -19.10 22.34 16.02
N LEU C 225 -18.48 23.07 16.95
CA LEU C 225 -18.51 22.75 18.36
C LEU C 225 -19.52 23.66 19.02
N ILE C 226 -20.48 23.07 19.74
CA ILE C 226 -21.32 23.79 20.67
C ILE C 226 -20.86 23.30 22.01
N ASN C 227 -20.26 24.19 22.81
CA ASN C 227 -19.83 23.86 24.13
C ASN C 227 -20.83 24.49 25.09
N ILE C 228 -21.67 23.64 25.72
CA ILE C 228 -22.66 24.10 26.68
C ILE C 228 -21.96 24.16 28.01
N LYS C 229 -21.50 25.36 28.37
CA LYS C 229 -20.96 25.57 29.69
C LYS C 229 -22.06 26.12 30.54
N GLN C 230 -22.26 25.50 31.70
CA GLN C 230 -23.20 25.97 32.67
C GLN C 230 -22.46 25.94 33.98
N GLU C 231 -22.73 27.00 34.75
CA GLU C 231 -22.04 27.27 35.99
C GLU C 231 -23.08 27.18 37.04
N ASN C 232 -22.81 26.53 38.17
CA ASN C 232 -23.83 26.58 39.19
C ASN C 232 -23.38 27.55 40.25
N VAL C 233 -24.31 28.41 40.73
CA VAL C 233 -24.06 29.40 41.77
C VAL C 233 -23.86 28.86 43.16
N GLU C 234 -24.54 27.76 43.58
CA GLU C 234 -24.29 27.21 44.90
C GLU C 234 -23.27 26.15 44.71
N THR C 235 -22.44 25.90 45.76
CA THR C 235 -21.30 25.01 45.74
C THR C 235 -21.67 23.67 45.18
N GLU C 236 -21.34 23.53 43.87
CA GLU C 236 -21.47 22.44 42.95
C GLU C 236 -20.66 22.99 41.82
N LYS C 237 -19.98 22.16 40.99
CA LYS C 237 -19.20 22.86 40.01
C LYS C 237 -19.62 22.62 38.62
N LYS C 238 -18.87 23.32 37.74
CA LYS C 238 -18.93 23.62 36.33
C LYS C 238 -19.20 22.38 35.57
N LEU C 239 -20.12 22.45 34.61
CA LEU C 239 -20.36 21.39 33.66
C LEU C 239 -20.03 21.92 32.29
N SER C 240 -19.70 20.98 31.40
CA SER C 240 -19.15 21.27 30.09
C SER C 240 -19.52 20.14 29.20
N GLY C 241 -20.73 20.19 28.63
CA GLY C 241 -21.14 19.21 27.64
C GLY C 241 -20.71 19.68 26.28
N LYS C 242 -20.11 18.79 25.48
CA LYS C 242 -19.67 19.11 24.15
C LYS C 242 -20.59 18.45 23.17
N LEU C 243 -21.15 19.25 22.26
CA LEU C 243 -21.86 18.72 21.12
C LEU C 243 -20.98 19.00 19.92
N TYR C 244 -20.46 17.93 19.30
CA TYR C 244 -19.69 18.00 18.08
C TYR C 244 -20.65 17.71 16.95
N LEU C 245 -20.81 18.71 16.05
CA LEU C 245 -21.58 18.52 14.86
C LEU C 245 -20.51 18.44 13.79
N VAL C 246 -20.33 17.22 13.20
CA VAL C 246 -19.25 17.05 12.28
C VAL C 246 -19.85 16.88 10.90
N ASP C 247 -19.57 17.86 10.01
CA ASP C 247 -20.05 17.84 8.65
C ASP C 247 -18.91 17.30 7.86
N LEU C 248 -19.07 16.05 7.37
CA LEU C 248 -18.04 15.47 6.57
C LEU C 248 -18.10 16.06 5.20
N ALA C 249 -16.91 16.16 4.60
CA ALA C 249 -16.74 16.68 3.29
C ALA C 249 -17.14 15.63 2.37
N GLY C 250 -17.22 16.01 1.11
CA GLY C 250 -17.72 15.08 0.16
C GLY C 250 -16.72 14.03 -0.22
N SER C 251 -17.33 12.92 -0.73
CA SER C 251 -16.69 11.78 -1.25
C SER C 251 -17.15 11.75 -2.61
N GLU C 252 -16.14 11.54 -3.51
CA GLU C 252 -16.36 11.55 -4.95
C GLU C 252 -15.44 10.40 -5.46
N LYS C 253 -16.02 9.59 -6.36
CA LYS C 253 -15.41 8.49 -7.08
C LYS C 253 -14.51 9.12 -8.11
N VAL C 254 -13.19 9.04 -7.81
CA VAL C 254 -12.13 9.60 -8.60
C VAL C 254 -12.05 8.93 -9.92
N SER C 255 -12.27 7.61 -10.02
CA SER C 255 -12.29 6.86 -11.23
C SER C 255 -13.14 7.47 -12.38
N LYS C 256 -14.34 7.92 -12.03
CA LYS C 256 -15.30 8.43 -12.99
C LYS C 256 -14.91 9.77 -13.30
N THR C 257 -14.60 10.63 -12.35
CA THR C 257 -14.47 12.02 -12.68
C THR C 257 -13.18 12.38 -13.42
N GLY C 258 -12.10 11.66 -13.14
CA GLY C 258 -10.77 11.87 -13.80
C GLY C 258 -9.94 12.90 -13.21
N ALA C 259 -9.64 12.88 -11.89
CA ALA C 259 -8.71 13.86 -11.34
C ALA C 259 -7.36 13.84 -12.02
N GLU C 260 -7.08 14.87 -12.87
CA GLU C 260 -5.80 15.06 -13.48
C GLU C 260 -4.90 15.82 -12.57
N GLY C 261 -5.42 16.96 -12.04
CA GLY C 261 -4.74 17.80 -11.12
C GLY C 261 -5.67 18.93 -10.84
N ALA C 262 -6.22 18.94 -9.61
CA ALA C 262 -7.16 19.93 -9.16
C ALA C 262 -7.36 19.64 -7.70
N VAL C 263 -8.31 20.34 -7.02
CA VAL C 263 -8.42 19.97 -5.60
C VAL C 263 -9.33 18.73 -5.51
N LEU C 264 -9.25 17.87 -6.55
CA LEU C 264 -9.88 16.58 -6.62
C LEU C 264 -8.99 15.53 -5.99
N ASP C 265 -7.69 15.48 -6.39
CA ASP C 265 -6.70 14.59 -5.82
C ASP C 265 -6.47 14.87 -4.33
N GLU C 266 -6.33 16.16 -3.97
CA GLU C 266 -6.17 16.61 -2.60
C GLU C 266 -7.33 16.21 -1.70
N ALA C 267 -8.57 16.37 -2.18
CA ALA C 267 -9.76 15.91 -1.48
C ALA C 267 -9.88 14.39 -1.39
N LYS C 268 -9.52 13.65 -2.45
CA LYS C 268 -9.54 12.19 -2.44
C LYS C 268 -8.70 11.61 -1.31
N ASN C 269 -7.50 12.15 -1.06
CA ASN C 269 -6.69 11.73 0.08
C ASN C 269 -7.30 12.05 1.45
N ILE C 270 -7.89 13.27 1.65
CA ILE C 270 -8.55 13.63 2.92
C ILE C 270 -9.79 12.79 3.19
N ASN C 271 -10.70 12.67 2.21
CA ASN C 271 -11.96 11.98 2.42
C ASN C 271 -11.75 10.49 2.69
N LYS C 272 -10.81 9.86 1.95
CA LYS C 272 -10.46 8.47 2.18
C LYS C 272 -9.79 8.14 3.49
N SER C 273 -8.81 8.96 3.93
CA SER C 273 -8.17 8.78 5.23
C SER C 273 -9.17 8.90 6.37
N LEU C 274 -10.03 9.93 6.35
CA LEU C 274 -11.04 10.11 7.37
C LEU C 274 -12.17 9.08 7.34
N SER C 275 -12.68 8.65 6.17
CA SER C 275 -13.65 7.55 6.11
C SER C 275 -13.13 6.21 6.58
N ALA C 276 -11.83 5.91 6.34
CA ALA C 276 -11.19 4.69 6.80
C ALA C 276 -11.10 4.60 8.31
N LEU C 277 -10.71 5.72 8.95
CA LEU C 277 -10.69 5.86 10.39
C LEU C 277 -12.04 5.76 10.98
N GLY C 278 -13.03 6.36 10.29
CA GLY C 278 -14.45 6.08 10.49
C GLY C 278 -14.66 4.62 10.69
N ASN C 279 -14.47 3.75 9.66
CA ASN C 279 -14.72 2.30 9.70
C ASN C 279 -14.26 1.60 10.98
N VAL C 280 -13.02 1.86 11.41
CA VAL C 280 -12.46 1.34 12.64
C VAL C 280 -13.17 1.85 13.90
N ILE C 281 -13.52 3.14 13.95
CA ILE C 281 -14.22 3.75 15.07
C ILE C 281 -15.62 3.17 15.35
N SER C 282 -16.54 2.98 14.37
CA SER C 282 -17.80 2.22 14.65
C SER C 282 -17.52 0.80 15.02
N ALA C 283 -16.56 0.15 14.34
CA ALA C 283 -16.25 -1.22 14.67
C ALA C 283 -15.75 -1.40 16.11
N LEU C 284 -14.96 -0.45 16.63
CA LEU C 284 -14.54 -0.34 18.01
C LEU C 284 -15.66 0.09 18.96
N ALA C 285 -16.53 0.96 18.45
CA ALA C 285 -17.65 1.45 19.23
C ALA C 285 -18.69 0.34 19.38
N GLU C 286 -18.45 -0.77 18.69
CA GLU C 286 -19.35 -1.92 18.73
C GLU C 286 -18.72 -3.08 19.50
N GLY C 287 -17.45 -3.35 19.22
CA GLY C 287 -16.75 -4.43 19.89
C GLY C 287 -15.36 -4.71 19.36
N THR C 288 -14.35 -4.18 20.05
CA THR C 288 -12.97 -4.37 19.68
C THR C 288 -12.20 -3.97 20.90
N THR C 289 -10.85 -4.06 20.87
CA THR C 289 -10.00 -3.50 21.89
C THR C 289 -9.67 -2.15 21.31
N HIS C 290 -9.25 -1.18 22.16
CA HIS C 290 -8.98 0.21 21.81
C HIS C 290 -7.85 0.37 20.81
N VAL C 291 -8.07 1.29 19.84
CA VAL C 291 -7.11 1.38 18.78
C VAL C 291 -6.80 2.77 18.16
N PRO C 292 -7.42 3.41 17.14
CA PRO C 292 -6.64 4.31 16.31
C PRO C 292 -6.88 5.71 16.85
N TYR C 293 -6.95 5.86 18.18
CA TYR C 293 -7.11 7.20 18.67
C TYR C 293 -5.75 7.86 18.62
N ARG C 294 -5.78 9.20 18.39
CA ARG C 294 -4.68 10.12 18.20
C ARG C 294 -4.03 9.96 16.84
N ASP C 295 -4.67 9.20 15.91
CA ASP C 295 -4.13 9.05 14.57
C ASP C 295 -4.27 10.32 13.73
N SER C 296 -5.43 10.98 13.71
CA SER C 296 -5.57 12.13 12.85
C SER C 296 -6.14 13.22 13.69
N LYS C 297 -6.10 14.47 13.19
CA LYS C 297 -6.63 15.59 13.92
C LYS C 297 -8.13 15.44 14.17
N MET C 298 -8.96 15.00 13.18
CA MET C 298 -10.36 14.74 13.44
C MET C 298 -10.59 13.88 14.66
N THR C 299 -9.81 12.81 14.74
CA THR C 299 -9.91 11.88 15.86
C THR C 299 -9.48 12.54 17.17
N ARG C 300 -8.56 13.49 17.07
CA ARG C 300 -8.06 14.20 18.25
C ARG C 300 -9.10 15.18 18.76
N ILE C 301 -9.91 15.72 17.85
CA ILE C 301 -10.94 16.69 18.21
C ILE C 301 -12.15 16.00 18.84
N LEU C 302 -12.53 14.85 18.27
CA LEU C 302 -13.67 14.10 18.76
C LEU C 302 -13.25 12.73 19.26
N GLN C 303 -12.80 12.67 20.51
CA GLN C 303 -12.36 11.41 21.11
C GLN C 303 -13.16 11.08 22.35
N ASP C 304 -13.30 12.06 23.24
CA ASP C 304 -14.04 11.88 24.48
C ASP C 304 -15.46 11.38 24.20
N SER C 305 -15.98 11.74 23.03
CA SER C 305 -17.33 11.33 22.65
C SER C 305 -17.35 9.90 22.14
N LEU C 306 -16.23 9.46 21.57
CA LEU C 306 -16.11 8.11 21.04
C LEU C 306 -15.73 7.12 22.13
N GLY C 307 -16.32 7.30 23.31
CA GLY C 307 -16.04 6.43 24.44
C GLY C 307 -16.82 6.83 25.68
N GLY C 308 -18.12 6.53 25.68
CA GLY C 308 -18.98 6.86 26.80
C GLY C 308 -20.40 7.19 26.37
N ASN C 309 -20.86 8.38 26.73
CA ASN C 309 -22.20 8.83 26.39
C ASN C 309 -22.52 8.58 24.92
N CYS C 310 -22.91 7.35 24.60
CA CYS C 310 -23.26 6.98 23.23
C CYS C 310 -24.25 7.97 22.63
N ARG C 311 -23.74 8.89 21.82
CA ARG C 311 -24.59 9.90 21.18
C ARG C 311 -23.94 10.42 19.90
N THR C 312 -23.29 9.53 19.17
CA THR C 312 -22.63 9.90 17.92
C THR C 312 -23.49 9.54 16.71
N THR C 313 -24.71 10.06 16.68
CA THR C 313 -25.64 9.80 15.59
C THR C 313 -24.98 10.12 14.26
N ILE C 314 -24.93 9.16 13.32
CA ILE C 314 -24.42 9.43 11.97
C ILE C 314 -25.60 9.58 11.04
N VAL C 315 -25.76 10.78 10.48
CA VAL C 315 -26.85 11.07 9.56
C VAL C 315 -26.35 11.14 8.12
N ILE C 316 -26.49 10.03 7.40
CA ILE C 316 -26.06 9.96 6.00
C ILE C 316 -27.21 10.23 5.05
N CYS C 317 -26.97 11.07 4.05
CA CYS C 317 -27.99 11.42 3.07
C CYS C 317 -27.97 10.46 1.89
N CYS C 318 -28.86 10.68 0.93
CA CYS C 318 -28.93 9.83 -0.25
C CYS C 318 -30.12 10.22 -1.14
N SER C 319 -29.82 10.58 -2.38
CA SER C 319 -30.85 10.99 -3.33
C SER C 319 -30.90 10.05 -4.53
N PRO C 320 -32.14 9.53 -4.85
CA PRO C 320 -32.15 8.62 -6.02
C PRO C 320 -31.52 9.27 -7.24
N SER C 321 -31.01 8.45 -8.15
CA SER C 321 -30.39 8.95 -9.35
C SER C 321 -29.33 7.98 -9.79
N VAL C 322 -28.59 8.39 -10.85
CA VAL C 322 -27.44 7.70 -11.37
C VAL C 322 -26.30 7.96 -10.43
N PHE C 323 -26.38 9.10 -9.73
CA PHE C 323 -25.38 9.50 -8.77
C PHE C 323 -26.10 9.47 -7.45
N ASN C 324 -25.33 9.72 -6.39
CA ASN C 324 -25.53 9.68 -4.95
C ASN C 324 -25.55 8.27 -4.35
N GLU C 325 -25.92 7.26 -5.18
CA GLU C 325 -25.79 5.85 -4.94
C GLU C 325 -24.43 5.45 -4.39
N ALA C 326 -23.36 6.14 -4.85
CA ALA C 326 -22.02 5.94 -4.36
C ALA C 326 -21.83 6.27 -2.89
N GLU C 327 -22.20 7.49 -2.45
CA GLU C 327 -21.96 7.89 -1.07
C GLU C 327 -22.93 7.29 -0.13
N THR C 328 -24.20 7.03 -0.70
CA THR C 328 -25.22 6.29 0.05
C THR C 328 -24.77 4.91 0.38
N LYS C 329 -24.14 4.24 -0.59
CA LYS C 329 -23.64 2.89 -0.39
C LYS C 329 -22.63 2.84 0.76
N SER C 330 -21.70 3.78 0.75
CA SER C 330 -20.67 3.85 1.78
C SER C 330 -21.29 4.13 3.15
N THR C 331 -22.36 4.91 3.17
CA THR C 331 -23.04 5.26 4.42
C THR C 331 -23.70 4.03 5.04
N LEU C 332 -24.08 3.08 4.20
CA LEU C 332 -24.72 1.86 4.66
C LEU C 332 -23.69 0.82 5.08
N MET C 333 -22.52 0.86 4.44
CA MET C 333 -21.45 -0.08 4.74
C MET C 333 -20.78 0.26 6.08
N PHE C 334 -20.91 1.52 6.49
CA PHE C 334 -20.32 1.96 7.75
C PHE C 334 -20.73 1.07 8.91
N ALA C 335 -21.87 0.99 9.73
CA ALA C 335 -22.41 0.17 10.81
C ALA C 335 -23.34 -0.92 10.27
N ALA C 336 -22.76 -1.95 9.66
CA ALA C 336 -23.53 -3.05 9.10
C ALA C 336 -23.16 -4.37 9.75
N SER C 337 -22.07 -4.37 10.51
CA SER C 337 -21.60 -5.57 11.19
C SER C 337 -21.58 -5.37 12.71
N VAL C 338 -21.98 -6.39 13.45
CA VAL C 338 -22.01 -6.33 14.90
C VAL C 338 -21.99 -7.72 15.52
N ASN C 339 -23.17 -8.32 15.67
CA ASN C 339 -23.29 -9.66 16.24
C ASN C 339 -23.90 -10.66 15.26
N SER C 340 -23.13 -11.68 14.91
CA SER C 340 -23.59 -12.70 13.98
C SER C 340 -23.04 -14.08 14.36
N CYS C 341 -23.80 -14.86 15.11
CA CYS C 341 -25.12 -14.47 15.62
C CYS C 341 -25.69 -15.52 16.56
N LYS C 342 -26.66 -15.11 17.37
CA LYS C 342 -27.28 -16.01 18.33
C LYS C 342 -26.28 -16.52 19.35
MG MG D . 8.82 -3.65 -11.92
PG GTP E . 5.61 -3.16 -10.23
O1G GTP E . 7.13 -3.23 -10.20
O2G GTP E . 5.09 -1.72 -10.37
O3G GTP E . 4.99 -3.65 -8.94
O3B GTP E . 5.21 -4.13 -11.52
PB GTP E . 5.61 -5.72 -11.70
O1B GTP E . 6.70 -5.86 -12.67
O2B GTP E . 4.30 -6.44 -11.95
O3A GTP E . 6.02 -6.18 -10.29
PA GTP E . 6.73 -7.39 -9.70
O1A GTP E . 6.83 -7.18 -8.23
O2A GTP E . 8.01 -7.67 -10.40
O5' GTP E . 5.66 -8.61 -9.93
C5' GTP E . 6.12 -9.86 -9.45
C4' GTP E . 5.20 -11.03 -9.61
O4' GTP E . 5.40 -11.66 -10.90
C3' GTP E . 5.56 -12.07 -8.58
O3' GTP E . 4.44 -12.87 -8.29
C2' GTP E . 6.68 -12.83 -9.28
O2' GTP E . 6.74 -14.16 -8.77
C1' GTP E . 6.27 -12.78 -10.76
N9 GTP E . 7.38 -12.62 -11.71
C8 GTP E . 8.30 -11.60 -11.75
N7 GTP E . 9.17 -11.72 -12.72
C5 GTP E . 8.83 -12.90 -13.35
C6 GTP E . 9.42 -13.55 -14.44
O6 GTP E . 10.38 -13.16 -15.08
N1 GTP E . 8.76 -14.75 -14.79
C2 GTP E . 7.66 -15.26 -14.13
N2 GTP E . 7.18 -16.39 -14.58
N3 GTP E . 7.10 -14.66 -13.09
C4 GTP E . 7.71 -13.48 -12.73
PB GDP F . 24.05 14.91 20.24
O1B GDP F . 22.98 15.08 19.24
O2B GDP F . 25.34 14.79 19.73
O3B GDP F . 23.88 16.07 21.38
O3A GDP F . 23.76 13.52 20.94
PA GDP F . 24.73 12.17 21.07
O1A GDP F . 24.94 11.59 19.71
O2A GDP F . 25.99 12.62 21.78
O5' GDP F . 23.81 11.22 21.88
C5' GDP F . 24.36 10.13 22.70
C4' GDP F . 23.87 8.82 22.34
O4' GDP F . 24.32 8.49 20.96
C3' GDP F . 24.52 7.62 23.16
O3' GDP F . 23.43 6.66 23.38
C2' GDP F . 25.60 6.95 22.28
O2' GDP F . 25.83 5.54 22.43
C1' GDP F . 25.14 7.25 20.86
N9 GDP F . 26.23 7.51 19.92
C8 GDP F . 27.01 8.79 20.04
N7 GDP F . 27.83 8.50 18.94
C5 GDP F . 27.67 7.36 18.26
C6 GDP F . 28.13 6.57 17.19
O6 GDP F . 29.14 7.09 16.46
N1 GDP F . 27.60 5.38 16.83
C2 GDP F . 26.49 4.84 17.65
N2 GDP F . 26.15 3.67 17.14
N3 GDP F . 26.03 5.49 18.64
C4 GDP F . 26.56 6.70 18.92
O01 TA1 G . 35.40 -6.17 6.64
C01 TA1 G . 34.65 -7.08 5.81
C02 TA1 G . 33.89 -8.10 6.83
O02 TA1 G . 33.07 -7.17 7.65
C03 TA1 G . 33.46 -6.94 8.99
O03 TA1 G . 34.40 -7.48 9.51
C04 TA1 G . 32.59 -6.00 9.66
C05 TA1 G . 33.36 -4.99 10.38
C06 TA1 G . 32.53 -3.98 11.12
C07 TA1 G . 31.11 -4.04 11.10
C08 TA1 G . 30.55 -4.96 10.43
C09 TA1 G . 31.19 -5.98 9.69
C10 TA1 G . 32.89 -9.23 6.22
C11 TA1 G . 31.50 -9.37 7.01
O04 TA1 G . 30.68 -8.13 6.94
C12 TA1 G . 30.11 -7.70 5.77
O05 TA1 G . 30.22 -8.23 4.71
C13 TA1 G . 29.33 -6.42 6.02
C14 TA1 G . 31.49 -9.67 8.53
O06 TA1 G . 30.72 -10.87 8.38
C15 TA1 G . 30.65 -10.67 6.95
C16 TA1 G . 31.24 -11.90 6.16
C17 TA1 G . 32.42 -11.55 5.27
O07 TA1 G . 32.91 -12.76 4.62
C18 TA1 G . 33.58 -10.74 6.02
C19 TA1 G . 33.92 -11.48 7.35
C20 TA1 G . 34.97 -10.86 5.18
O08 TA1 G . 35.91 -11.45 5.67
C21 TA1 G . 35.13 -10.23 3.79
O09 TA1 G . 36.52 -10.51 3.34
C22 TA1 G . 36.75 -11.36 2.27
O10 TA1 G . 35.90 -11.91 1.64
C23 TA1 G . 38.22 -11.49 2.00
C24 TA1 G . 34.85 -8.73 3.85
C25 TA1 G . 33.76 -8.21 3.14
C26 TA1 G . 33.44 -6.70 3.39
O11 TA1 G . 32.11 -6.28 2.93
C27 TA1 G . 32.01 -5.77 1.71
O12 TA1 G . 32.87 -5.62 0.91
C28 TA1 G . 30.54 -5.38 1.43
O13 TA1 G . 30.48 -4.80 0.14
C29 TA1 G . 30.08 -4.39 2.54
N01 TA1 G . 31.07 -3.34 2.60
C30 TA1 G . 31.31 -2.61 3.73
O14 TA1 G . 30.70 -2.79 4.78
C31 TA1 G . 32.40 -1.61 3.58
C32 TA1 G . 32.37 -0.55 2.67
C33 TA1 G . 33.45 0.36 2.58
C34 TA1 G . 34.59 0.20 3.42
C35 TA1 G . 34.63 -0.85 4.33
C36 TA1 G . 33.56 -1.76 4.43
C37 TA1 G . 28.63 -3.91 2.30
C38 TA1 G . 27.58 -4.63 2.90
C39 TA1 G . 26.23 -4.24 2.71
C40 TA1 G . 25.93 -3.11 1.92
C41 TA1 G . 26.97 -2.40 1.33
C42 TA1 G . 28.32 -2.79 1.52
C43 TA1 G . 33.53 -6.34 4.92
C44 TA1 G . 32.81 -8.99 2.25
C45 TA1 G . 35.74 -7.78 4.79
C46 TA1 G . 36.51 -6.72 3.87
C47 TA1 G . 36.90 -8.41 5.60
MG MG H . -23.31 20.20 1.25
PG ANP I . -22.84 18.44 -1.72
O1G ANP I . -22.37 19.10 -2.99
O2G ANP I . -22.41 19.27 -0.60
O3G ANP I . -22.11 17.14 -1.60
PB ANP I . -25.38 18.16 -0.35
O1B ANP I . -25.37 19.20 0.61
O2B ANP I . -26.35 17.09 -0.55
N3B ANP I . -24.47 18.53 -1.66
PA ANP I . -27.32 20.34 -0.37
O1A ANP I . -27.09 21.61 -1.12
O2A ANP I . -28.41 20.14 0.58
O3A ANP I . -26.64 19.00 -1.00
O5' ANP I . -28.58 20.39 -1.36
C5' ANP I . -28.99 19.52 -2.41
C4' ANP I . -29.91 20.49 -3.25
O4' ANP I . -31.34 20.08 -3.16
C3' ANP I . -30.04 21.97 -2.84
O3' ANP I . -30.41 22.77 -3.96
C2' ANP I . -31.10 21.90 -1.72
O2' ANP I . -31.70 23.20 -1.49
C1' ANP I . -32.07 20.88 -2.26
N9 ANP I . -32.70 20.03 -1.20
C8 ANP I . -32.16 19.02 -0.49
N7 ANP I . -33.00 18.47 0.35
C5 ANP I . -34.17 19.14 0.21
C6 ANP I . -35.42 18.97 0.85
N6 ANP I . -35.73 18.12 1.74
N1 ANP I . -36.37 19.88 0.41
C2 ANP I . -36.12 20.83 -0.56
N3 ANP I . -34.96 20.98 -1.16
C4 ANP I . -34.01 20.11 -0.75
#